data_4GIZ
#
_entry.id   4GIZ
#
_cell.length_a   106.279
_cell.length_b   134.936
_cell.length_c   138.794
_cell.angle_alpha   90.00
_cell.angle_beta   90.00
_cell.angle_gamma   90.00
#
_symmetry.space_group_name_H-M   'P 21 21 21'
#
loop_
_entity.id
_entity.type
_entity.pdbx_description
1 polymer 'Maltose-binding periplasmic protein, UBIQUITIN LIGASE EA6P: chimeric protein'
2 polymer 'Protein E6'
3 branched alpha-D-glucopyranose-(1-4)-alpha-D-glucopyranose-(1-4)-alpha-D-glucopyranose-(1-4)-alpha-D-glucopyranose-(1-4)-alpha-D-glucopyranose-(1-4)-alpha-D-glucopyranose
4 non-polymer 'ZINC ION'
5 water water
#
loop_
_entity_poly.entity_id
_entity_poly.type
_entity_poly.pdbx_seq_one_letter_code
_entity_poly.pdbx_strand_id
1 'polypeptide(L)'
;KIEEGKLVIWINGDKGYNGLAEVGKKFEKDTGIKVTVEHPDKLEEKFPQVAATGDGPDIIFWAHDRFGGYAQSGLLAEIT
PAAAFQDKLYPFTWDAVRYNGKLIAYPIAVEALSLIYNKDLLPNPPKTWEEIPALDKELKAKGKSALMFNLQEPYFTWPL
IAADGGYAFKYENGKYDIKDVGVDNAGAKAGLTFLVDLIKNKHMNADTDYSIAEAAFNKGETAMTINGPWAWSNIDTSAV
NYGVTVLPTFKGQPSKPFVGVLSAGINAASPNKELAKEFLENYLLTDEGLEAVNKDKPLGAVALKSYEEELAKDPRIAAT
MENAQKGEIMPNIPQMSAFWYAVRTAVINAASGRQTVDAALAAAQTNAAAELTLQELLGEER
;
A,B
2 'polypeptide(L)'
;FQDPQERPRKLPQLCTELQTTIHDIILECVYCKQQLLRREVYDFARRDLCIVYRDGNPYAVCDKCLKFYSKISEYRHYSY
SLYGTTLEQQYNKPLSDLLIRCINCQKPLSPEEKQRHLDKKQRFHNIRGRWTGRCMSCSRSS
;
C,D
#
# COMPACT_ATOMS: atom_id res chain seq x y z
N LYS A 1 32.00 33.94 8.66
CA LYS A 1 32.10 34.65 9.93
C LYS A 1 31.20 35.90 10.00
N ILE A 2 30.38 35.98 11.08
CA ILE A 2 29.50 37.12 11.37
C ILE A 2 30.31 38.12 12.22
N GLU A 3 30.19 39.42 11.89
CA GLU A 3 30.87 40.52 12.55
C GLU A 3 30.33 40.79 13.97
N GLU A 4 31.25 40.86 14.95
CA GLU A 4 30.91 41.13 16.34
C GLU A 4 30.78 42.63 16.60
N GLY A 5 29.86 43.02 17.51
CA GLY A 5 29.62 44.40 17.92
C GLY A 5 28.76 45.19 16.97
N LYS A 6 27.93 44.46 16.21
CA LYS A 6 27.03 45.00 15.21
C LYS A 6 25.85 44.02 15.10
N LEU A 7 24.72 44.46 14.53
CA LEU A 7 23.57 43.59 14.26
C LEU A 7 23.15 43.71 12.81
N VAL A 8 23.05 42.56 12.13
CA VAL A 8 22.61 42.42 10.74
C VAL A 8 21.28 41.66 10.82
N ILE A 9 20.23 42.28 10.27
CA ILE A 9 18.87 41.73 10.28
C ILE A 9 18.36 41.50 8.85
N TRP A 10 17.72 40.34 8.61
CA TRP A 10 17.09 40.03 7.34
C TRP A 10 15.61 39.95 7.53
N ILE A 11 14.88 40.76 6.75
CA ILE A 11 13.42 40.80 6.75
C ILE A 11 12.99 41.09 5.32
N ASN A 12 11.82 40.59 4.92
CA ASN A 12 11.23 40.85 3.61
C ASN A 12 10.89 42.33 3.47
N GLY A 13 11.19 42.88 2.30
CA GLY A 13 10.96 44.29 1.98
C GLY A 13 9.55 44.79 2.14
N ASP A 14 8.57 43.91 1.96
CA ASP A 14 7.17 44.27 2.09
C ASP A 14 6.65 44.27 3.56
N LYS A 15 7.58 44.11 4.51
CA LYS A 15 7.29 44.19 5.94
C LYS A 15 7.72 45.59 6.38
N GLY A 16 8.32 46.34 5.47
CA GLY A 16 8.75 47.71 5.70
C GLY A 16 10.22 48.02 5.51
N TYR A 17 10.50 48.96 4.59
CA TYR A 17 11.87 49.43 4.30
C TYR A 17 12.29 50.55 5.27
N ASN A 18 11.40 50.93 6.23
CA ASN A 18 11.67 52.02 7.17
C ASN A 18 11.43 51.73 8.61
N GLY A 19 10.35 50.99 8.89
CA GLY A 19 9.87 50.66 10.22
C GLY A 19 10.88 50.04 11.14
N LEU A 20 11.39 48.86 10.77
CA LEU A 20 12.38 48.14 11.55
C LEU A 20 13.72 48.90 11.63
N ALA A 21 14.12 49.55 10.53
CA ALA A 21 15.34 50.36 10.46
C ALA A 21 15.33 51.49 11.50
N GLU A 22 14.14 52.08 11.74
CA GLU A 22 13.88 53.15 12.70
C GLU A 22 14.07 52.63 14.13
N VAL A 23 13.61 51.39 14.41
CA VAL A 23 13.80 50.73 15.72
C VAL A 23 15.33 50.46 15.89
N GLY A 24 15.98 50.03 14.80
CA GLY A 24 17.42 49.82 14.76
C GLY A 24 18.20 51.10 15.04
N LYS A 25 17.68 52.26 14.55
CA LYS A 25 18.32 53.56 14.79
C LYS A 25 18.20 53.99 16.23
N LYS A 26 17.06 53.63 16.89
CA LYS A 26 16.86 53.94 18.32
C LYS A 26 17.83 53.10 19.17
N PHE A 27 18.02 51.81 18.79
CA PHE A 27 18.95 50.89 19.44
C PHE A 27 20.43 51.36 19.35
N GLU A 28 20.81 51.90 18.17
CA GLU A 28 22.15 52.44 17.91
C GLU A 28 22.37 53.71 18.73
N LYS A 29 21.36 54.58 18.82
CA LYS A 29 21.48 55.81 19.60
C LYS A 29 21.73 55.47 21.07
N ASP A 30 21.02 54.46 21.60
CA ASP A 30 21.10 54.06 23.00
C ASP A 30 22.33 53.26 23.36
N THR A 31 22.77 52.35 22.48
CA THR A 31 23.90 51.45 22.76
C THR A 31 25.20 51.79 22.08
N GLY A 32 25.12 52.50 20.96
CA GLY A 32 26.28 52.80 20.11
C GLY A 32 26.50 51.72 19.07
N ILE A 33 25.69 50.62 19.14
CA ILE A 33 25.77 49.44 18.28
C ILE A 33 25.00 49.66 17.00
N LYS A 34 25.71 49.56 15.88
CA LYS A 34 25.13 49.71 14.55
C LYS A 34 24.20 48.53 14.19
N VAL A 35 23.02 48.88 13.67
CA VAL A 35 22.02 47.93 13.24
C VAL A 35 21.78 48.14 11.74
N THR A 36 21.97 47.08 10.97
CA THR A 36 21.78 47.09 9.54
C THR A 36 20.62 46.16 9.15
N VAL A 37 19.57 46.74 8.55
CA VAL A 37 18.42 45.96 8.09
C VAL A 37 18.57 45.74 6.58
N GLU A 38 18.54 44.45 6.17
CA GLU A 38 18.69 44.02 4.78
C GLU A 38 17.47 43.24 4.32
N HIS A 39 17.21 43.27 3.00
CA HIS A 39 16.07 42.60 2.36
C HIS A 39 16.58 41.74 1.18
N PRO A 40 17.33 40.63 1.45
CA PRO A 40 17.85 39.82 0.32
C PRO A 40 16.74 39.07 -0.40
N ASP A 41 16.97 38.75 -1.68
CA ASP A 41 16.01 37.99 -2.46
C ASP A 41 16.07 36.54 -1.98
N LYS A 42 14.90 35.92 -1.80
CA LYS A 42 14.75 34.52 -1.35
C LYS A 42 15.55 34.29 -0.06
N LEU A 43 15.36 35.21 0.94
CA LEU A 43 16.07 35.15 2.21
C LEU A 43 15.78 33.87 3.01
N GLU A 44 14.55 33.29 2.89
CA GLU A 44 14.18 32.05 3.56
C GLU A 44 14.98 30.85 2.99
N GLU A 45 15.50 31.00 1.77
CA GLU A 45 16.34 30.01 1.09
C GLU A 45 17.82 30.31 1.27
N LYS A 46 18.21 31.60 1.23
CA LYS A 46 19.57 32.06 1.41
C LYS A 46 20.05 31.77 2.85
N PHE A 47 19.15 31.96 3.85
CA PHE A 47 19.48 31.71 5.26
C PHE A 47 20.00 30.28 5.56
N PRO A 48 19.27 29.17 5.28
CA PRO A 48 19.82 27.84 5.57
C PRO A 48 21.12 27.52 4.84
N GLN A 49 21.38 28.19 3.69
CA GLN A 49 22.61 27.99 2.92
C GLN A 49 23.79 28.61 3.61
N VAL A 50 23.72 29.93 3.93
CA VAL A 50 24.80 30.68 4.58
C VAL A 50 25.02 30.33 6.06
N ALA A 51 23.93 30.16 6.82
CA ALA A 51 23.98 29.84 8.25
C ALA A 51 24.62 28.49 8.51
N ALA A 52 24.52 27.54 7.56
CA ALA A 52 25.15 26.21 7.68
C ALA A 52 26.69 26.28 7.68
N THR A 53 27.26 27.42 7.23
CA THR A 53 28.70 27.66 7.17
C THR A 53 29.18 28.64 8.26
N GLY A 54 28.25 29.01 9.17
CA GLY A 54 28.52 29.94 10.26
C GLY A 54 28.53 31.39 9.84
N ASP A 55 27.78 31.71 8.78
CA ASP A 55 27.64 33.04 8.21
C ASP A 55 26.18 33.47 8.28
N GLY A 56 25.85 34.58 7.63
CA GLY A 56 24.49 35.10 7.57
C GLY A 56 24.19 36.25 8.51
N PRO A 57 22.87 36.55 8.70
CA PRO A 57 22.51 37.66 9.59
C PRO A 57 22.57 37.21 11.05
N ASP A 58 22.47 38.16 11.98
CA ASP A 58 22.39 37.84 13.40
C ASP A 58 20.94 37.42 13.68
N ILE A 59 19.98 38.15 13.06
CA ILE A 59 18.53 37.95 13.19
C ILE A 59 17.89 37.72 11.84
N ILE A 60 16.99 36.72 11.78
CA ILE A 60 16.18 36.35 10.61
C ILE A 60 14.68 36.44 10.91
N PHE A 61 13.96 37.19 10.08
CA PHE A 61 12.51 37.34 10.18
C PHE A 61 11.84 36.59 9.03
N TRP A 62 10.95 35.63 9.38
CA TRP A 62 10.17 34.84 8.42
C TRP A 62 8.98 34.19 9.14
N ALA A 63 8.05 33.57 8.39
CA ALA A 63 6.92 32.81 8.95
C ALA A 63 7.51 31.62 9.75
N HIS A 64 6.89 31.30 10.91
CA HIS A 64 7.37 30.27 11.84
C HIS A 64 7.56 28.86 11.29
N ASP A 65 6.83 28.48 10.23
CA ASP A 65 6.85 27.11 9.67
C ASP A 65 8.24 26.64 9.20
N ARG A 66 9.07 27.59 8.75
CA ARG A 66 10.40 27.32 8.23
C ARG A 66 11.41 27.18 9.38
N PHE A 67 11.06 27.69 10.57
CA PHE A 67 11.93 27.71 11.74
C PHE A 67 12.25 26.35 12.36
N GLY A 68 11.31 25.40 12.32
CA GLY A 68 11.54 24.03 12.80
C GLY A 68 12.63 23.34 12.03
N GLY A 69 12.62 23.51 10.71
CA GLY A 69 13.64 23.01 9.80
C GLY A 69 15.00 23.66 10.03
N TYR A 70 15.02 24.99 10.35
CA TYR A 70 16.28 25.69 10.63
C TYR A 70 16.87 25.23 11.97
N ALA A 71 16.00 25.02 12.98
CA ALA A 71 16.37 24.56 14.32
C ALA A 71 16.90 23.12 14.27
N GLN A 72 16.27 22.25 13.42
CA GLN A 72 16.67 20.86 13.22
C GLN A 72 18.10 20.79 12.65
N SER A 73 18.44 21.73 11.75
CA SER A 73 19.75 21.86 11.09
C SER A 73 20.79 22.55 11.98
N GLY A 74 20.39 22.91 13.21
CA GLY A 74 21.23 23.59 14.20
C GLY A 74 21.58 25.02 13.84
N LEU A 75 20.69 25.72 13.14
CA LEU A 75 20.93 27.08 12.65
C LEU A 75 20.45 28.20 13.55
N LEU A 76 19.57 27.87 14.52
CA LEU A 76 18.98 28.83 15.44
C LEU A 76 19.39 28.63 16.89
N ALA A 77 19.70 29.73 17.59
CA ALA A 77 20.04 29.72 19.01
C ALA A 77 18.76 29.57 19.83
N GLU A 78 18.83 28.80 20.94
CA GLU A 78 17.69 28.67 21.84
C GLU A 78 17.50 30.03 22.52
N ILE A 79 16.27 30.54 22.49
CA ILE A 79 15.98 31.83 23.09
C ILE A 79 15.59 31.65 24.56
N THR A 80 16.06 32.57 25.39
CA THR A 80 15.89 32.48 26.85
C THR A 80 15.08 33.64 27.50
N PRO A 81 13.81 33.92 27.10
CA PRO A 81 13.10 35.02 27.78
C PRO A 81 12.67 34.63 29.18
N ALA A 82 12.73 35.60 30.09
CA ALA A 82 12.31 35.42 31.47
C ALA A 82 10.77 35.31 31.48
N ALA A 83 10.21 34.74 32.57
CA ALA A 83 8.77 34.56 32.76
C ALA A 83 7.99 35.86 32.56
N ALA A 84 8.51 36.98 33.08
CA ALA A 84 7.89 38.31 32.96
C ALA A 84 7.82 38.76 31.50
N PHE A 85 8.84 38.39 30.68
CA PHE A 85 8.80 38.76 29.27
C PHE A 85 7.86 37.84 28.51
N GLN A 86 7.93 36.50 28.76
CA GLN A 86 7.03 35.52 28.12
C GLN A 86 5.56 35.90 28.32
N ASP A 87 5.24 36.48 29.49
CA ASP A 87 3.92 36.97 29.88
C ASP A 87 3.34 38.13 29.04
N LYS A 88 4.20 38.87 28.33
CA LYS A 88 3.79 40.03 27.53
C LYS A 88 3.21 39.65 26.16
N LEU A 89 3.50 38.40 25.72
CA LEU A 89 3.10 37.82 24.44
C LEU A 89 2.08 36.69 24.61
N TYR A 90 1.16 36.51 23.64
CA TYR A 90 0.14 35.47 23.72
C TYR A 90 0.73 34.04 23.73
N PRO A 91 0.26 33.14 24.63
CA PRO A 91 0.80 31.78 24.67
C PRO A 91 0.86 31.00 23.36
N PHE A 92 -0.13 31.15 22.47
CA PHE A 92 -0.14 30.39 21.22
C PHE A 92 0.96 30.81 20.24
N THR A 93 1.43 32.07 20.35
CA THR A 93 2.53 32.58 19.52
C THR A 93 3.85 31.94 19.99
N TRP A 94 4.01 31.71 21.33
CA TRP A 94 5.16 31.02 21.90
C TRP A 94 5.16 29.55 21.49
N ASP A 95 3.96 28.93 21.39
CA ASP A 95 3.79 27.54 20.97
C ASP A 95 4.26 27.34 19.54
N ALA A 96 3.97 28.32 18.67
CA ALA A 96 4.34 28.29 17.25
C ALA A 96 5.87 28.32 17.04
N VAL A 97 6.63 28.90 18.00
CA VAL A 97 8.10 29.00 17.95
C VAL A 97 8.84 28.02 18.87
N ARG A 98 8.13 26.98 19.34
CA ARG A 98 8.67 25.92 20.18
C ARG A 98 9.00 24.74 19.28
N TYR A 99 10.25 24.29 19.32
CA TYR A 99 10.72 23.16 18.56
C TYR A 99 11.49 22.22 19.46
N ASN A 100 11.00 20.97 19.56
CA ASN A 100 11.57 19.89 20.36
C ASN A 100 11.77 20.35 21.82
N GLY A 101 10.70 20.94 22.37
CA GLY A 101 10.67 21.47 23.73
C GLY A 101 11.41 22.78 24.00
N LYS A 102 12.07 23.37 22.98
CA LYS A 102 12.82 24.63 23.16
C LYS A 102 12.24 25.81 22.34
N LEU A 103 12.31 27.05 22.87
CA LEU A 103 11.90 28.24 22.11
C LEU A 103 13.06 28.58 21.15
N ILE A 104 12.75 28.69 19.86
CA ILE A 104 13.77 28.91 18.82
C ILE A 104 13.71 30.26 18.07
N ALA A 105 12.72 31.09 18.42
CA ALA A 105 12.52 32.40 17.82
C ALA A 105 11.63 33.21 18.70
N TYR A 106 11.57 34.53 18.48
CA TYR A 106 10.64 35.46 19.17
C TYR A 106 9.42 35.67 18.26
N PRO A 107 8.19 35.42 18.74
CA PRO A 107 7.00 35.74 17.91
C PRO A 107 6.76 37.24 17.78
N ILE A 108 6.37 37.71 16.58
CA ILE A 108 6.14 39.14 16.35
C ILE A 108 4.66 39.47 16.08
N ALA A 109 4.12 38.83 15.04
CA ALA A 109 2.76 39.09 14.59
C ALA A 109 2.08 37.81 14.10
N VAL A 110 0.76 37.79 14.17
CA VAL A 110 -0.08 36.67 13.78
C VAL A 110 -0.81 37.06 12.51
N GLU A 111 -0.80 36.16 11.54
CA GLU A 111 -1.45 36.38 10.25
C GLU A 111 -2.27 35.18 9.79
N ALA A 112 -3.33 35.50 9.06
CA ALA A 112 -4.21 34.53 8.45
C ALA A 112 -4.84 35.24 7.25
N LEU A 113 -5.24 34.47 6.24
CA LEU A 113 -5.95 34.98 5.09
C LEU A 113 -7.36 35.38 5.53
N SER A 114 -7.92 36.41 4.90
CA SER A 114 -9.29 36.85 5.14
C SER A 114 -9.96 37.08 3.81
N LEU A 115 -11.29 37.27 3.83
CA LEU A 115 -12.05 37.56 2.63
C LEU A 115 -12.02 39.08 2.47
N ILE A 116 -11.42 39.54 1.37
CA ILE A 116 -11.32 40.95 1.04
C ILE A 116 -12.35 41.20 -0.06
N TYR A 117 -13.24 42.18 0.17
CA TYR A 117 -14.32 42.49 -0.75
C TYR A 117 -14.40 43.95 -1.13
N ASN A 118 -14.93 44.21 -2.35
CA ASN A 118 -15.17 45.54 -2.87
C ASN A 118 -16.56 46.00 -2.43
N LYS A 119 -16.63 46.98 -1.52
CA LYS A 119 -17.88 47.53 -0.96
C LYS A 119 -18.80 48.16 -2.02
N ASP A 120 -18.22 48.67 -3.12
CA ASP A 120 -18.99 49.30 -4.19
C ASP A 120 -19.69 48.29 -5.07
N LEU A 121 -19.03 47.16 -5.39
CA LEU A 121 -19.60 46.08 -6.21
C LEU A 121 -20.41 45.13 -5.37
N LEU A 122 -19.99 44.92 -4.12
CA LEU A 122 -20.60 43.97 -3.22
C LEU A 122 -20.71 44.55 -1.81
N PRO A 123 -21.82 45.27 -1.51
CA PRO A 123 -21.99 45.86 -0.15
C PRO A 123 -22.07 44.81 0.96
N ASN A 124 -22.69 43.64 0.68
CA ASN A 124 -22.81 42.54 1.63
C ASN A 124 -22.10 41.30 1.09
N PRO A 125 -20.87 41.00 1.59
CA PRO A 125 -20.15 39.83 1.09
C PRO A 125 -20.84 38.50 1.44
N PRO A 126 -20.71 37.45 0.61
CA PRO A 126 -21.36 36.17 0.93
C PRO A 126 -20.79 35.52 2.19
N LYS A 127 -21.66 34.92 2.98
CA LYS A 127 -21.30 34.24 4.22
C LYS A 127 -20.90 32.78 3.97
N THR A 128 -21.33 32.21 2.83
CA THR A 128 -21.06 30.82 2.44
C THR A 128 -20.39 30.73 1.08
N TRP A 129 -19.55 29.68 0.89
CA TRP A 129 -18.88 29.39 -0.37
C TRP A 129 -19.93 29.00 -1.42
N GLU A 130 -20.96 28.26 -0.99
CA GLU A 130 -22.06 27.74 -1.83
C GLU A 130 -22.86 28.82 -2.59
N GLU A 131 -22.85 30.06 -2.11
CA GLU A 131 -23.59 31.14 -2.77
C GLU A 131 -22.76 31.91 -3.81
N ILE A 132 -21.44 31.66 -3.87
CA ILE A 132 -20.49 32.28 -4.82
C ILE A 132 -20.83 31.98 -6.32
N PRO A 133 -21.18 30.74 -6.76
CA PRO A 133 -21.56 30.55 -8.17
C PRO A 133 -22.72 31.44 -8.64
N ALA A 134 -23.79 31.59 -7.81
CA ALA A 134 -24.95 32.44 -8.15
C ALA A 134 -24.56 33.92 -8.20
N LEU A 135 -23.61 34.32 -7.34
CA LEU A 135 -23.09 35.67 -7.25
C LEU A 135 -22.28 36.00 -8.51
N ASP A 136 -21.49 35.03 -8.99
CA ASP A 136 -20.67 35.17 -10.19
C ASP A 136 -21.51 35.37 -11.45
N LYS A 137 -22.60 34.58 -11.60
CA LYS A 137 -23.52 34.72 -12.73
C LYS A 137 -24.10 36.16 -12.77
N GLU A 138 -24.50 36.72 -11.61
CA GLU A 138 -25.03 38.09 -11.49
C GLU A 138 -23.98 39.14 -11.87
N LEU A 139 -22.72 38.94 -11.43
CA LEU A 139 -21.62 39.86 -11.70
C LEU A 139 -21.10 39.78 -13.10
N LYS A 140 -21.13 38.57 -13.72
CA LYS A 140 -20.65 38.35 -15.09
C LYS A 140 -21.47 39.13 -16.11
N ALA A 141 -22.78 39.30 -15.83
CA ALA A 141 -23.72 40.07 -16.65
C ALA A 141 -23.34 41.54 -16.65
N LYS A 142 -22.70 42.00 -15.55
CA LYS A 142 -22.24 43.38 -15.36
C LYS A 142 -20.78 43.57 -15.84
N GLY A 143 -20.21 42.53 -16.43
CA GLY A 143 -18.82 42.54 -16.91
C GLY A 143 -17.78 42.48 -15.79
N LYS A 144 -18.12 41.79 -14.69
CA LYS A 144 -17.26 41.61 -13.51
C LYS A 144 -17.26 40.12 -13.10
N SER A 145 -16.44 39.76 -12.10
CA SER A 145 -16.40 38.40 -11.57
C SER A 145 -16.61 38.45 -10.05
N ALA A 146 -17.06 37.33 -9.44
CA ALA A 146 -17.27 37.30 -8.00
C ALA A 146 -15.99 37.20 -7.19
N LEU A 147 -15.13 36.22 -7.49
CA LEU A 147 -13.92 35.94 -6.72
C LEU A 147 -12.73 35.57 -7.59
N MET A 148 -11.57 36.11 -7.19
CA MET A 148 -10.30 35.85 -7.83
C MET A 148 -9.23 35.84 -6.74
N PHE A 149 -8.58 34.69 -6.57
CA PHE A 149 -7.49 34.58 -5.60
C PHE A 149 -6.43 33.62 -6.13
N ASN A 150 -5.23 33.68 -5.56
CA ASN A 150 -4.11 32.81 -5.95
C ASN A 150 -4.45 31.31 -5.76
N LEU A 151 -4.56 30.57 -6.88
CA LEU A 151 -4.86 29.14 -6.85
C LEU A 151 -3.60 28.28 -6.89
N GLN A 152 -2.42 28.90 -7.10
CA GLN A 152 -1.13 28.22 -7.25
C GLN A 152 -0.49 27.74 -5.98
N GLU A 153 -0.65 28.50 -4.89
CA GLU A 153 -0.05 28.14 -3.62
C GLU A 153 -1.01 27.37 -2.71
N PRO A 154 -0.60 26.17 -2.19
CA PRO A 154 -1.48 25.42 -1.28
C PRO A 154 -1.95 26.17 -0.02
N TYR A 155 -1.19 27.21 0.40
CA TYR A 155 -1.54 28.02 1.58
C TYR A 155 -2.85 28.76 1.34
N PHE A 156 -3.09 29.17 0.07
CA PHE A 156 -4.26 29.92 -0.37
C PHE A 156 -5.51 29.05 -0.60
N THR A 157 -5.33 27.80 -1.05
CA THR A 157 -6.42 26.87 -1.35
C THR A 157 -6.84 26.05 -0.11
N TRP A 158 -5.94 25.92 0.88
CA TRP A 158 -6.17 25.22 2.13
C TRP A 158 -7.42 25.68 2.93
N PRO A 159 -7.72 27.00 3.12
CA PRO A 159 -8.93 27.37 3.90
C PRO A 159 -10.18 26.57 3.53
N LEU A 160 -10.44 26.41 2.22
CA LEU A 160 -11.58 25.68 1.67
C LEU A 160 -11.39 24.14 1.76
N ILE A 161 -10.19 23.62 1.42
CA ILE A 161 -9.86 22.18 1.44
C ILE A 161 -9.95 21.60 2.85
N ALA A 162 -9.40 22.32 3.84
CA ALA A 162 -9.41 21.90 5.24
C ALA A 162 -10.78 22.06 5.96
N ALA A 163 -11.64 23.03 5.54
CA ALA A 163 -12.94 23.39 6.16
C ALA A 163 -13.79 22.21 6.67
N ASP A 164 -14.06 21.20 5.82
CA ASP A 164 -14.84 20.02 6.16
C ASP A 164 -14.04 18.84 6.79
N GLY A 165 -12.74 19.00 7.06
CA GLY A 165 -12.00 17.91 7.67
C GLY A 165 -10.54 17.67 7.33
N GLY A 166 -9.96 18.43 6.43
CA GLY A 166 -8.55 18.28 6.12
C GLY A 166 -7.63 18.85 7.21
N TYR A 167 -6.40 18.33 7.27
CA TYR A 167 -5.34 18.77 8.21
C TYR A 167 -4.00 18.36 7.65
N ALA A 168 -2.91 19.07 8.02
CA ALA A 168 -1.56 18.77 7.55
C ALA A 168 -1.06 17.49 8.28
N PHE A 169 -0.66 17.64 9.54
CA PHE A 169 -0.24 16.52 10.37
C PHE A 169 -1.09 16.56 11.65
N LYS A 170 -1.48 15.40 12.16
CA LYS A 170 -2.28 15.31 13.40
C LYS A 170 -1.45 15.70 14.61
N TYR A 171 -2.04 16.52 15.47
CA TYR A 171 -1.40 16.96 16.71
C TYR A 171 -2.14 16.38 17.90
N GLU A 172 -1.48 15.44 18.59
CA GLU A 172 -2.01 14.78 19.78
C GLU A 172 -0.87 14.54 20.77
N ASN A 173 -1.15 14.76 22.08
CA ASN A 173 -0.21 14.62 23.20
C ASN A 173 1.02 15.56 23.03
N GLY A 174 0.74 16.80 22.59
CA GLY A 174 1.75 17.82 22.37
C GLY A 174 2.77 17.54 21.28
N LYS A 175 2.49 16.55 20.40
CA LYS A 175 3.38 16.13 19.33
C LYS A 175 2.64 15.93 18.00
N TYR A 176 3.32 16.25 16.87
CA TYR A 176 2.79 15.99 15.54
C TYR A 176 3.12 14.54 15.14
N ASP A 177 2.13 13.80 14.60
CA ASP A 177 2.29 12.44 14.13
C ASP A 177 2.58 12.53 12.63
N ILE A 178 3.86 12.32 12.23
CA ILE A 178 4.31 12.40 10.83
C ILE A 178 3.71 11.33 9.90
N LYS A 179 3.04 10.35 10.48
CA LYS A 179 2.40 9.27 9.73
C LYS A 179 0.90 9.52 9.51
N ASP A 180 0.34 10.52 10.23
CA ASP A 180 -1.08 10.91 10.14
C ASP A 180 -1.30 12.24 9.37
N VAL A 181 -1.26 12.14 8.02
CA VAL A 181 -1.49 13.25 7.08
C VAL A 181 -3.00 13.23 6.74
N GLY A 182 -3.64 14.39 6.76
CA GLY A 182 -5.09 14.49 6.53
C GLY A 182 -5.49 15.13 5.23
N VAL A 183 -4.94 14.61 4.14
CA VAL A 183 -5.14 15.06 2.76
C VAL A 183 -6.12 14.11 2.04
N ASP A 184 -5.99 12.80 2.28
CA ASP A 184 -6.82 11.79 1.65
C ASP A 184 -7.95 11.37 2.62
N ASN A 185 -8.96 12.21 2.73
CA ASN A 185 -10.12 11.99 3.58
C ASN A 185 -11.31 12.70 2.97
N ALA A 186 -12.51 12.39 3.47
CA ALA A 186 -13.80 12.92 3.00
C ALA A 186 -13.88 14.45 3.01
N GLY A 187 -13.32 15.09 4.04
CA GLY A 187 -13.30 16.53 4.21
C GLY A 187 -12.53 17.28 3.14
N ALA A 188 -11.25 16.89 2.93
CA ALA A 188 -10.36 17.47 1.93
C ALA A 188 -10.92 17.25 0.53
N LYS A 189 -11.53 16.06 0.26
CA LYS A 189 -12.17 15.71 -1.01
C LYS A 189 -13.36 16.61 -1.32
N ALA A 190 -14.21 16.89 -0.31
CA ALA A 190 -15.37 17.78 -0.43
C ALA A 190 -14.94 19.24 -0.78
N GLY A 191 -13.94 19.74 -0.06
CA GLY A 191 -13.40 21.09 -0.27
C GLY A 191 -12.76 21.29 -1.62
N LEU A 192 -11.88 20.35 -2.02
CA LEU A 192 -11.21 20.42 -3.32
C LEU A 192 -12.20 20.23 -4.47
N THR A 193 -13.23 19.36 -4.30
CA THR A 193 -14.28 19.16 -5.30
C THR A 193 -15.02 20.49 -5.53
N PHE A 194 -15.36 21.22 -4.45
CA PHE A 194 -16.01 22.51 -4.56
C PHE A 194 -15.13 23.51 -5.35
N LEU A 195 -13.85 23.62 -4.99
CA LEU A 195 -12.84 24.44 -5.66
C LEU A 195 -12.71 24.13 -7.16
N VAL A 196 -12.59 22.84 -7.49
CA VAL A 196 -12.45 22.36 -8.86
C VAL A 196 -13.73 22.58 -9.68
N ASP A 197 -14.90 22.41 -9.03
CA ASP A 197 -16.19 22.68 -9.67
C ASP A 197 -16.29 24.16 -10.05
N LEU A 198 -15.79 25.11 -9.18
CA LEU A 198 -15.75 26.55 -9.48
C LEU A 198 -14.98 26.80 -10.76
N ILE A 199 -13.85 26.09 -10.96
CA ILE A 199 -13.01 26.18 -12.14
C ILE A 199 -13.75 25.58 -13.36
N LYS A 200 -14.33 24.38 -13.19
CA LYS A 200 -15.07 23.71 -14.27
C LYS A 200 -16.27 24.51 -14.74
N ASN A 201 -17.00 25.13 -13.80
CA ASN A 201 -18.17 25.97 -14.08
C ASN A 201 -17.78 27.38 -14.54
N LYS A 202 -16.45 27.61 -14.70
CA LYS A 202 -15.83 28.84 -15.21
C LYS A 202 -16.00 30.07 -14.30
N HIS A 203 -16.24 29.84 -12.99
CA HIS A 203 -16.34 30.90 -11.98
C HIS A 203 -14.94 31.37 -11.55
N MET A 204 -13.92 30.54 -11.79
CA MET A 204 -12.51 30.80 -11.54
C MET A 204 -11.67 30.11 -12.62
N ASN A 205 -10.42 30.54 -12.81
CA ASN A 205 -9.50 29.98 -13.80
C ASN A 205 -8.31 29.32 -13.11
N ALA A 206 -7.94 28.10 -13.55
CA ALA A 206 -6.83 27.29 -13.00
C ALA A 206 -5.48 28.00 -13.01
N ASP A 207 -5.26 28.90 -13.96
CA ASP A 207 -4.02 29.67 -14.12
C ASP A 207 -3.91 30.88 -13.14
N THR A 208 -5.01 31.25 -12.43
CA THR A 208 -4.99 32.39 -11.51
C THR A 208 -3.92 32.26 -10.42
N ASP A 209 -2.99 33.24 -10.41
CA ASP A 209 -1.89 33.35 -9.46
C ASP A 209 -2.01 34.65 -8.62
N TYR A 210 -0.99 34.94 -7.79
CA TYR A 210 -0.93 36.11 -6.94
C TYR A 210 -1.13 37.42 -7.70
N SER A 211 -0.30 37.66 -8.73
CA SER A 211 -0.32 38.86 -9.57
C SER A 211 -1.64 39.10 -10.27
N ILE A 212 -2.18 38.06 -10.94
CA ILE A 212 -3.47 38.13 -11.64
C ILE A 212 -4.61 38.54 -10.67
N ALA A 213 -4.72 37.86 -9.51
CA ALA A 213 -5.73 38.13 -8.49
C ALA A 213 -5.61 39.55 -7.96
N GLU A 214 -4.37 39.96 -7.59
CA GLU A 214 -4.08 41.30 -7.05
C GLU A 214 -4.48 42.41 -8.03
N ALA A 215 -4.05 42.30 -9.30
CA ALA A 215 -4.36 43.27 -10.35
C ALA A 215 -5.86 43.35 -10.58
N ALA A 216 -6.54 42.20 -10.63
CA ALA A 216 -7.98 42.14 -10.86
C ALA A 216 -8.76 42.85 -9.77
N PHE A 217 -8.45 42.55 -8.49
CA PHE A 217 -9.13 43.17 -7.37
C PHE A 217 -8.86 44.67 -7.25
N ASN A 218 -7.58 45.06 -7.36
CA ASN A 218 -7.12 46.45 -7.26
C ASN A 218 -7.54 47.33 -8.43
N LYS A 219 -7.95 46.73 -9.57
CA LYS A 219 -8.45 47.46 -10.74
C LYS A 219 -9.99 47.47 -10.76
N GLY A 220 -10.60 46.90 -9.72
CA GLY A 220 -12.04 46.82 -9.56
C GLY A 220 -12.72 45.87 -10.53
N GLU A 221 -12.00 44.84 -11.01
CA GLU A 221 -12.55 43.87 -11.96
C GLU A 221 -13.24 42.69 -11.30
N THR A 222 -12.86 42.40 -10.04
CA THR A 222 -13.42 41.30 -9.24
C THR A 222 -13.98 41.84 -7.91
N ALA A 223 -15.13 41.32 -7.47
CA ALA A 223 -15.78 41.80 -6.24
C ALA A 223 -15.08 41.33 -4.98
N MET A 224 -14.36 40.21 -5.05
CA MET A 224 -13.67 39.63 -3.89
C MET A 224 -12.33 39.04 -4.27
N THR A 225 -11.46 38.91 -3.27
CA THR A 225 -10.17 38.26 -3.30
C THR A 225 -9.92 37.63 -1.93
N ILE A 226 -8.94 36.76 -1.84
CA ILE A 226 -8.52 36.13 -0.59
C ILE A 226 -7.05 36.47 -0.47
N ASN A 227 -6.70 37.21 0.60
CA ASN A 227 -5.32 37.62 0.87
C ASN A 227 -5.12 37.96 2.35
N GLY A 228 -3.87 38.28 2.70
CA GLY A 228 -3.45 38.62 4.05
C GLY A 228 -3.01 40.06 4.24
N PRO A 229 -2.59 40.43 5.49
CA PRO A 229 -2.18 41.83 5.76
C PRO A 229 -1.07 42.39 4.89
N TRP A 230 -0.19 41.53 4.32
CA TRP A 230 0.90 41.90 3.41
C TRP A 230 0.38 42.54 2.10
N ALA A 231 -0.92 42.32 1.79
CA ALA A 231 -1.58 42.84 0.59
C ALA A 231 -2.35 44.16 0.76
N TRP A 232 -2.69 44.55 2.01
CA TRP A 232 -3.50 45.75 2.30
C TRP A 232 -2.97 47.05 1.74
N SER A 233 -1.66 47.28 1.86
CA SER A 233 -0.96 48.49 1.41
C SER A 233 -1.17 48.80 -0.07
N ASN A 234 -1.16 47.75 -0.94
CA ASN A 234 -1.41 47.93 -2.39
C ASN A 234 -2.88 48.24 -2.63
N ILE A 235 -3.78 47.67 -1.80
CA ILE A 235 -5.22 47.96 -1.90
C ILE A 235 -5.48 49.41 -1.48
N ASP A 236 -4.74 49.91 -0.47
CA ASP A 236 -4.86 51.30 -0.03
C ASP A 236 -4.53 52.22 -1.20
N THR A 237 -3.38 51.99 -1.86
CA THR A 237 -2.94 52.76 -3.03
C THR A 237 -3.95 52.72 -4.20
N SER A 238 -4.61 51.56 -4.42
CA SER A 238 -5.59 51.39 -5.52
C SER A 238 -6.85 52.25 -5.35
N ALA A 239 -7.11 52.73 -4.12
CA ALA A 239 -8.26 53.56 -3.72
C ALA A 239 -9.61 52.82 -3.81
N VAL A 240 -9.57 51.47 -3.93
CA VAL A 240 -10.76 50.60 -3.95
C VAL A 240 -11.38 50.65 -2.53
N ASN A 241 -12.70 50.86 -2.46
CA ASN A 241 -13.43 50.91 -1.20
C ASN A 241 -13.57 49.45 -0.73
N TYR A 242 -12.56 48.97 -0.01
CA TYR A 242 -12.50 47.59 0.45
C TYR A 242 -12.84 47.34 1.91
N GLY A 243 -13.28 46.11 2.16
CA GLY A 243 -13.61 45.58 3.47
C GLY A 243 -12.88 44.26 3.65
N VAL A 244 -12.48 43.97 4.88
CA VAL A 244 -11.78 42.73 5.22
C VAL A 244 -12.70 42.01 6.20
N THR A 245 -13.08 40.78 5.86
CA THR A 245 -14.05 40.04 6.65
C THR A 245 -13.72 38.55 6.89
N VAL A 246 -14.61 37.87 7.61
CA VAL A 246 -14.53 36.44 7.90
C VAL A 246 -14.66 35.67 6.56
N LEU A 247 -13.84 34.63 6.38
CA LEU A 247 -13.86 33.78 5.18
C LEU A 247 -15.23 33.08 5.09
N PRO A 248 -15.73 32.75 3.88
CA PRO A 248 -17.04 32.09 3.81
C PRO A 248 -17.02 30.70 4.44
N THR A 249 -18.18 30.20 4.83
CA THR A 249 -18.27 28.86 5.40
C THR A 249 -18.43 27.86 4.26
N PHE A 250 -18.01 26.63 4.50
CA PHE A 250 -18.20 25.55 3.55
C PHE A 250 -18.91 24.44 4.31
N LYS A 251 -20.02 23.93 3.75
CA LYS A 251 -20.86 22.89 4.37
C LYS A 251 -21.27 23.25 5.81
N GLY A 252 -21.51 24.56 6.03
CA GLY A 252 -21.89 25.10 7.33
C GLY A 252 -20.75 25.29 8.31
N GLN A 253 -19.55 24.78 7.95
CA GLN A 253 -18.35 24.88 8.77
C GLN A 253 -17.45 26.03 8.31
N PRO A 254 -16.73 26.70 9.24
CA PRO A 254 -15.84 27.79 8.79
C PRO A 254 -14.66 27.33 7.94
N SER A 255 -14.12 28.22 7.08
CA SER A 255 -12.91 27.93 6.32
C SER A 255 -11.80 27.85 7.38
N LYS A 256 -10.87 26.88 7.27
CA LYS A 256 -9.77 26.66 8.23
C LYS A 256 -8.44 27.11 7.59
N PRO A 257 -8.13 28.43 7.57
CA PRO A 257 -6.87 28.83 6.95
C PRO A 257 -5.69 28.45 7.83
N PHE A 258 -4.50 28.43 7.26
CA PHE A 258 -3.31 28.22 8.06
C PHE A 258 -3.02 29.51 8.84
N VAL A 259 -2.41 29.38 10.02
CA VAL A 259 -2.05 30.53 10.82
C VAL A 259 -0.53 30.62 10.81
N GLY A 260 -0.04 31.77 10.44
CA GLY A 260 1.38 32.06 10.41
C GLY A 260 1.77 33.06 11.49
N VAL A 261 2.94 32.83 12.10
CA VAL A 261 3.47 33.72 13.12
C VAL A 261 4.81 34.26 12.57
N LEU A 262 4.87 35.57 12.28
CA LEU A 262 6.11 36.16 11.81
C LEU A 262 7.04 36.10 13.03
N SER A 263 8.22 35.54 12.82
CA SER A 263 9.14 35.28 13.91
C SER A 263 10.51 35.79 13.65
N ALA A 264 11.25 36.09 14.72
CA ALA A 264 12.64 36.57 14.66
C ALA A 264 13.57 35.56 15.35
N GLY A 265 14.31 34.83 14.54
CA GLY A 265 15.26 33.82 15.00
C GLY A 265 16.66 34.36 15.08
N ILE A 266 17.39 33.99 16.14
CA ILE A 266 18.78 34.39 16.31
C ILE A 266 19.67 33.30 15.73
N ASN A 267 20.59 33.70 14.83
CA ASN A 267 21.53 32.79 14.22
C ASN A 267 22.40 32.11 15.29
N ALA A 268 22.50 30.77 15.25
CA ALA A 268 23.32 29.98 16.18
C ALA A 268 24.81 30.35 16.10
N ALA A 269 25.27 30.87 14.96
CA ALA A 269 26.67 31.25 14.69
C ALA A 269 26.98 32.69 15.03
N SER A 270 25.97 33.46 15.48
CA SER A 270 26.16 34.85 15.83
C SER A 270 26.97 35.07 17.12
N PRO A 271 27.96 35.99 17.09
CA PRO A 271 28.67 36.34 18.33
C PRO A 271 27.94 37.47 19.09
N ASN A 272 26.74 37.86 18.62
CA ASN A 272 25.97 39.00 19.14
C ASN A 272 24.61 38.60 19.69
N LYS A 273 24.50 37.36 20.21
CA LYS A 273 23.27 36.82 20.79
C LYS A 273 22.68 37.69 21.91
N GLU A 274 23.53 38.26 22.80
CA GLU A 274 23.02 39.14 23.88
C GLU A 274 22.46 40.47 23.36
N LEU A 275 23.14 41.06 22.35
CA LEU A 275 22.69 42.28 21.66
C LEU A 275 21.34 42.02 20.95
N ALA A 276 21.21 40.82 20.33
CA ALA A 276 20.01 40.37 19.63
C ALA A 276 18.81 40.24 20.54
N LYS A 277 18.96 39.58 21.72
CA LYS A 277 17.88 39.42 22.74
C LYS A 277 17.44 40.79 23.23
N GLU A 278 18.41 41.69 23.47
CA GLU A 278 18.22 43.06 23.93
C GLU A 278 17.35 43.84 22.93
N PHE A 279 17.74 43.80 21.65
CA PHE A 279 17.02 44.49 20.60
C PHE A 279 15.59 43.94 20.44
N LEU A 280 15.46 42.61 20.37
CA LEU A 280 14.15 42.00 20.19
C LEU A 280 13.20 42.19 21.36
N GLU A 281 13.68 41.97 22.57
CA GLU A 281 12.84 42.11 23.77
C GLU A 281 12.54 43.56 24.14
N ASN A 282 13.59 44.38 24.24
CA ASN A 282 13.48 45.74 24.74
C ASN A 282 13.30 46.88 23.76
N TYR A 283 13.40 46.60 22.45
CA TYR A 283 13.25 47.63 21.44
C TYR A 283 12.15 47.30 20.47
N LEU A 284 12.19 46.13 19.87
CA LEU A 284 11.15 45.77 18.93
C LEU A 284 9.83 45.38 19.58
N LEU A 285 9.86 44.39 20.49
CA LEU A 285 8.65 43.90 21.14
C LEU A 285 8.11 44.77 22.25
N THR A 286 7.92 46.05 21.92
CA THR A 286 7.36 47.10 22.78
C THR A 286 6.25 47.78 21.97
N ASP A 287 5.33 48.48 22.63
CA ASP A 287 4.27 49.24 21.95
C ASP A 287 4.92 50.24 20.96
N GLU A 288 5.96 50.95 21.41
CA GLU A 288 6.75 51.91 20.62
C GLU A 288 7.44 51.25 19.39
N GLY A 289 8.05 50.08 19.61
CA GLY A 289 8.74 49.34 18.55
C GLY A 289 7.80 48.82 17.48
N LEU A 290 6.72 48.18 17.88
CA LEU A 290 5.75 47.61 16.94
C LEU A 290 4.97 48.66 16.20
N GLU A 291 4.73 49.83 16.83
CA GLU A 291 4.06 50.95 16.18
C GLU A 291 4.93 51.48 15.04
N ALA A 292 6.25 51.62 15.26
CA ALA A 292 7.16 52.07 14.20
C ALA A 292 7.09 51.15 12.99
N VAL A 293 7.05 49.82 13.22
CA VAL A 293 6.99 48.83 12.14
C VAL A 293 5.62 48.81 11.43
N ASN A 294 4.53 48.76 12.23
CA ASN A 294 3.14 48.68 11.79
C ASN A 294 2.65 49.90 11.00
N LYS A 295 3.10 51.10 11.38
CA LYS A 295 2.71 52.32 10.69
C LYS A 295 3.29 52.33 9.24
N ASP A 296 4.44 51.68 9.06
CA ASP A 296 5.09 51.52 7.75
C ASP A 296 4.29 50.46 6.96
N LYS A 297 4.26 49.22 7.42
CA LYS A 297 3.47 48.15 6.78
C LYS A 297 2.74 47.36 7.87
N PRO A 298 1.42 47.11 7.72
CA PRO A 298 0.69 46.39 8.77
C PRO A 298 1.13 44.93 8.92
N LEU A 299 1.35 44.56 10.20
CA LEU A 299 1.83 43.25 10.64
C LEU A 299 0.72 42.23 10.81
N GLY A 300 -0.49 42.70 11.01
CA GLY A 300 -1.64 41.85 11.30
C GLY A 300 -1.98 41.98 12.77
N ALA A 301 -2.13 40.85 13.47
CA ALA A 301 -2.43 40.82 14.91
C ALA A 301 -1.13 40.54 15.69
N VAL A 302 -0.53 41.56 16.28
CA VAL A 302 0.74 41.43 16.99
C VAL A 302 0.71 40.43 18.15
N ALA A 303 1.85 39.75 18.41
CA ALA A 303 1.97 38.80 19.51
C ALA A 303 1.93 39.53 20.88
N LEU A 304 2.38 40.81 20.92
CA LEU A 304 2.41 41.66 22.12
C LEU A 304 0.99 42.08 22.54
N LYS A 305 0.50 41.49 23.65
CA LYS A 305 -0.83 41.69 24.24
C LYS A 305 -1.25 43.13 24.32
N SER A 306 -0.39 44.00 24.84
CA SER A 306 -0.72 45.44 25.04
C SER A 306 -1.03 46.16 23.76
N TYR A 307 -0.18 45.95 22.74
CA TYR A 307 -0.36 46.59 21.45
C TYR A 307 -1.46 45.94 20.60
N GLU A 308 -1.70 44.63 20.76
CA GLU A 308 -2.75 43.92 20.02
C GLU A 308 -4.12 44.48 20.40
N GLU A 309 -4.31 44.74 21.70
CA GLU A 309 -5.51 45.31 22.28
C GLU A 309 -5.72 46.72 21.70
N GLU A 310 -4.63 47.50 21.60
CA GLU A 310 -4.68 48.85 21.04
C GLU A 310 -5.11 48.82 19.55
N LEU A 311 -4.64 47.82 18.78
CA LEU A 311 -4.95 47.71 17.35
C LEU A 311 -6.24 47.02 16.98
N ALA A 312 -6.76 46.13 17.84
CA ALA A 312 -7.98 45.31 17.64
C ALA A 312 -9.16 46.11 17.10
N LYS A 313 -9.20 47.43 17.38
CA LYS A 313 -10.24 48.34 16.89
C LYS A 313 -10.24 48.49 15.35
N ASP A 314 -9.16 48.04 14.67
CA ASP A 314 -9.11 48.03 13.21
C ASP A 314 -9.89 46.78 12.78
N PRO A 315 -11.03 46.95 12.06
CA PRO A 315 -11.83 45.78 11.64
C PRO A 315 -11.11 44.74 10.77
N ARG A 316 -10.04 45.15 10.06
CA ARG A 316 -9.21 44.27 9.21
C ARG A 316 -8.40 43.33 10.09
N ILE A 317 -7.91 43.86 11.23
CA ILE A 317 -7.15 43.09 12.22
C ILE A 317 -8.11 42.14 12.97
N ALA A 318 -9.33 42.59 13.24
CA ALA A 318 -10.35 41.77 13.90
C ALA A 318 -10.73 40.57 13.00
N ALA A 319 -10.83 40.79 11.67
CA ALA A 319 -11.10 39.74 10.69
C ALA A 319 -9.90 38.77 10.63
N THR A 320 -8.66 39.28 10.70
CA THR A 320 -7.43 38.48 10.71
C THR A 320 -7.46 37.53 11.91
N MET A 321 -7.81 38.03 13.11
CA MET A 321 -7.94 37.26 14.35
C MET A 321 -9.08 36.26 14.32
N GLU A 322 -10.26 36.66 13.82
CA GLU A 322 -11.41 35.76 13.72
C GLU A 322 -11.06 34.55 12.82
N ASN A 323 -10.42 34.82 11.65
CA ASN A 323 -9.98 33.79 10.73
C ASN A 323 -8.87 32.92 11.33
N ALA A 324 -7.89 33.53 12.04
CA ALA A 324 -6.82 32.79 12.71
C ALA A 324 -7.39 31.85 13.82
N GLN A 325 -8.39 32.33 14.58
CA GLN A 325 -9.02 31.51 15.63
C GLN A 325 -9.76 30.31 15.04
N LYS A 326 -10.28 30.46 13.81
CA LYS A 326 -11.02 29.41 13.12
C LYS A 326 -10.09 28.54 12.28
N GLY A 327 -8.80 28.90 12.28
CA GLY A 327 -7.76 28.27 11.49
C GLY A 327 -6.95 27.18 12.13
N GLU A 328 -5.83 26.84 11.49
CA GLU A 328 -4.92 25.76 11.89
C GLU A 328 -3.49 26.32 11.88
N ILE A 329 -2.84 26.33 13.04
CA ILE A 329 -1.44 26.79 13.11
C ILE A 329 -0.63 25.92 12.17
N MET A 330 0.23 26.55 11.38
CA MET A 330 1.09 25.80 10.49
C MET A 330 2.06 24.99 11.33
N PRO A 331 2.15 23.65 11.18
CA PRO A 331 3.19 22.88 11.90
C PRO A 331 4.57 23.44 11.51
N ASN A 332 5.54 23.52 12.44
CA ASN A 332 6.90 24.01 12.11
C ASN A 332 7.88 22.87 11.77
N ILE A 333 7.39 21.62 11.78
CA ILE A 333 8.20 20.44 11.55
C ILE A 333 8.83 20.38 10.15
N PRO A 334 10.11 19.94 10.03
CA PRO A 334 10.72 19.88 8.70
C PRO A 334 9.95 19.05 7.65
N GLN A 335 9.11 18.07 8.09
CA GLN A 335 8.25 17.18 7.27
C GLN A 335 7.15 17.94 6.52
N MET A 336 6.92 19.22 6.87
CA MET A 336 5.95 20.07 6.18
C MET A 336 6.28 20.28 4.71
N SER A 337 7.60 20.31 4.33
CA SER A 337 7.98 20.48 2.92
C SER A 337 7.41 19.36 2.04
N ALA A 338 7.36 18.11 2.56
CA ALA A 338 6.76 16.97 1.87
C ALA A 338 5.27 17.27 1.61
N PHE A 339 4.53 17.76 2.64
CA PHE A 339 3.12 18.15 2.58
C PHE A 339 2.86 19.24 1.53
N TRP A 340 3.59 20.37 1.61
CA TRP A 340 3.42 21.51 0.71
C TRP A 340 3.46 21.16 -0.77
N TYR A 341 4.50 20.45 -1.22
CA TYR A 341 4.66 20.07 -2.63
C TYR A 341 3.62 19.05 -3.11
N ALA A 342 3.26 18.09 -2.23
CA ALA A 342 2.27 17.07 -2.56
C ALA A 342 0.90 17.71 -2.79
N VAL A 343 0.49 18.63 -1.90
CA VAL A 343 -0.79 19.36 -1.99
C VAL A 343 -0.80 20.30 -3.19
N ARG A 344 0.32 21.00 -3.44
CA ARG A 344 0.48 21.90 -4.57
C ARG A 344 0.21 21.16 -5.89
N THR A 345 0.79 19.95 -6.05
CA THR A 345 0.64 19.09 -7.22
C THR A 345 -0.80 18.58 -7.37
N ALA A 346 -1.42 18.18 -6.25
CA ALA A 346 -2.78 17.65 -6.21
C ALA A 346 -3.77 18.66 -6.74
N VAL A 347 -3.69 19.92 -6.27
CA VAL A 347 -4.56 21.01 -6.71
C VAL A 347 -4.39 21.28 -8.20
N ILE A 348 -3.14 21.35 -8.71
CA ILE A 348 -2.84 21.56 -10.13
C ILE A 348 -3.42 20.44 -11.00
N ASN A 349 -3.20 19.17 -10.59
CA ASN A 349 -3.65 17.97 -11.31
C ASN A 349 -5.17 17.83 -11.36
N ALA A 350 -5.83 18.05 -10.22
CA ALA A 350 -7.29 18.01 -10.11
C ALA A 350 -7.94 19.17 -10.89
N ALA A 351 -7.44 20.43 -10.72
CA ALA A 351 -7.93 21.65 -11.41
C ALA A 351 -7.83 21.57 -12.92
N SER A 352 -6.82 20.82 -13.43
CA SER A 352 -6.60 20.63 -14.86
C SER A 352 -7.66 19.69 -15.48
N GLY A 353 -8.35 18.92 -14.62
CA GLY A 353 -9.35 17.94 -15.00
C GLY A 353 -8.76 16.65 -15.57
N ARG A 354 -7.42 16.50 -15.52
CA ARG A 354 -6.69 15.35 -16.05
C ARG A 354 -6.70 14.14 -15.10
N GLN A 355 -7.21 14.36 -13.90
CA GLN A 355 -7.31 13.37 -12.83
C GLN A 355 -8.52 13.78 -11.99
N THR A 356 -9.21 12.81 -11.37
CA THR A 356 -10.30 13.13 -10.44
C THR A 356 -9.67 13.71 -9.19
N VAL A 357 -10.47 14.48 -8.44
CA VAL A 357 -10.10 15.09 -7.17
C VAL A 357 -9.63 14.02 -6.19
N ASP A 358 -10.42 12.94 -6.02
CA ASP A 358 -10.12 11.87 -5.08
C ASP A 358 -8.81 11.19 -5.37
N ALA A 359 -8.53 10.91 -6.66
CA ALA A 359 -7.32 10.25 -7.08
C ALA A 359 -6.13 11.19 -6.83
N ALA A 360 -6.32 12.51 -7.07
CA ALA A 360 -5.27 13.50 -6.85
C ALA A 360 -4.85 13.56 -5.37
N LEU A 361 -5.84 13.58 -4.47
CA LEU A 361 -5.62 13.60 -3.03
C LEU A 361 -5.02 12.33 -2.48
N ALA A 362 -5.40 11.18 -3.05
CA ALA A 362 -4.85 9.87 -2.69
C ALA A 362 -3.37 9.84 -3.09
N ALA A 363 -3.04 10.35 -4.28
CA ALA A 363 -1.66 10.47 -4.76
C ALA A 363 -0.86 11.42 -3.87
N ALA A 364 -1.48 12.52 -3.38
CA ALA A 364 -0.80 13.48 -2.50
C ALA A 364 -0.38 12.83 -1.17
N GLN A 365 -1.27 12.03 -0.53
CA GLN A 365 -0.94 11.38 0.72
CA GLN A 365 -0.97 11.34 0.72
C GLN A 365 0.17 10.35 0.51
N THR A 366 0.10 9.56 -0.60
CA THR A 366 1.11 8.57 -0.97
C THR A 366 2.47 9.23 -1.21
N ASN A 367 2.49 10.35 -1.97
CA ASN A 367 3.69 11.09 -2.33
C ASN A 367 4.38 11.78 -1.17
N ALA A 368 3.63 12.43 -0.29
CA ALA A 368 4.17 13.05 0.92
C ALA A 368 4.82 11.97 1.80
N ALA A 369 4.12 10.84 2.00
CA ALA A 369 4.63 9.71 2.80
C ALA A 369 5.88 9.09 2.17
N ALA A 370 5.95 9.07 0.82
CA ALA A 370 7.07 8.51 0.06
C ALA A 370 8.35 9.36 0.22
N GLU A 371 8.21 10.71 0.24
CA GLU A 371 9.35 11.60 0.48
C GLU A 371 9.93 11.35 1.89
N LEU A 372 9.03 11.20 2.89
CA LEU A 372 9.42 10.96 4.28
C LEU A 372 10.07 9.59 4.46
N THR A 373 9.62 8.58 3.69
CA THR A 373 10.22 7.24 3.69
C THR A 373 11.64 7.32 3.13
N LEU A 374 11.85 8.13 2.06
CA LEU A 374 13.18 8.30 1.47
C LEU A 374 14.15 8.86 2.50
N GLN A 375 13.73 9.89 3.25
CA GLN A 375 14.52 10.50 4.32
C GLN A 375 14.88 9.50 5.40
N GLU A 376 13.99 8.56 5.68
CA GLU A 376 14.17 7.50 6.67
C GLU A 376 15.16 6.47 6.14
N LEU A 377 15.12 6.16 4.83
CA LEU A 377 16.08 5.25 4.17
C LEU A 377 17.50 5.80 4.21
N LEU A 378 17.65 7.11 4.04
CA LEU A 378 18.94 7.78 4.02
C LEU A 378 19.53 7.98 5.40
N GLY A 379 18.67 8.18 6.40
CA GLY A 379 19.09 8.45 7.77
C GLY A 379 19.32 9.92 8.00
N GLU A 380 19.63 10.32 9.25
CA GLU A 380 19.85 11.75 9.53
C GLU A 380 21.24 12.29 9.15
N GLU A 381 22.24 11.39 9.00
CA GLU A 381 23.64 11.71 8.65
C GLU A 381 23.78 12.62 7.42
N ARG A 382 24.62 13.67 7.58
CA ARG A 382 24.91 14.68 6.57
C ARG A 382 26.41 15.00 6.51
N LYS B 1 -15.36 -34.80 -27.82
CA LYS B 1 -16.71 -35.34 -27.70
C LYS B 1 -16.78 -36.52 -26.71
N ILE B 2 -17.74 -36.44 -25.75
CA ILE B 2 -18.02 -37.48 -24.76
C ILE B 2 -19.08 -38.41 -25.37
N GLU B 3 -18.89 -39.73 -25.20
CA GLU B 3 -19.75 -40.78 -25.72
C GLU B 3 -21.09 -40.84 -24.97
N GLU B 4 -22.20 -40.84 -25.74
CA GLU B 4 -23.56 -40.93 -25.21
C GLU B 4 -23.97 -42.39 -24.94
N GLY B 5 -24.77 -42.60 -23.88
CA GLY B 5 -25.26 -43.89 -23.46
C GLY B 5 -24.26 -44.74 -22.68
N LYS B 6 -23.26 -44.08 -22.10
CA LYS B 6 -22.16 -44.68 -21.34
C LYS B 6 -21.75 -43.68 -20.23
N LEU B 7 -21.10 -44.15 -19.15
CA LEU B 7 -20.59 -43.26 -18.08
C LEU B 7 -19.12 -43.51 -17.86
N VAL B 8 -18.33 -42.44 -17.93
CA VAL B 8 -16.90 -42.42 -17.69
C VAL B 8 -16.71 -41.59 -16.43
N ILE B 9 -16.07 -42.21 -15.42
CA ILE B 9 -15.82 -41.60 -14.11
C ILE B 9 -14.31 -41.48 -13.82
N TRP B 10 -13.88 -40.33 -13.32
CA TRP B 10 -12.50 -40.11 -12.90
C TRP B 10 -12.46 -39.94 -11.39
N ILE B 11 -11.64 -40.77 -10.74
CA ILE B 11 -11.44 -40.73 -9.30
C ILE B 11 -9.97 -41.13 -9.05
N ASN B 12 -9.38 -40.62 -7.97
CA ASN B 12 -8.03 -40.98 -7.55
C ASN B 12 -7.97 -42.46 -7.14
N GLY B 13 -6.92 -43.12 -7.57
CA GLY B 13 -6.70 -44.55 -7.32
C GLY B 13 -6.69 -44.97 -5.87
N ASP B 14 -6.29 -44.07 -4.97
CA ASP B 14 -6.24 -44.35 -3.54
C ASP B 14 -7.60 -44.19 -2.82
N LYS B 15 -8.67 -43.96 -3.62
CA LYS B 15 -10.05 -43.88 -3.12
C LYS B 15 -10.68 -45.24 -3.39
N GLY B 16 -9.92 -46.11 -4.07
CA GLY B 16 -10.35 -47.47 -4.37
C GLY B 16 -10.42 -47.85 -5.83
N TYR B 17 -9.67 -48.89 -6.20
CA TYR B 17 -9.63 -49.47 -7.54
C TYR B 17 -10.75 -50.49 -7.76
N ASN B 18 -11.56 -50.79 -6.70
CA ASN B 18 -12.62 -51.79 -6.76
C ASN B 18 -13.97 -51.33 -6.26
N GLY B 19 -13.99 -50.46 -5.25
CA GLY B 19 -15.20 -49.95 -4.61
C GLY B 19 -16.23 -49.33 -5.54
N LEU B 20 -15.86 -48.18 -6.13
CA LEU B 20 -16.70 -47.44 -7.07
C LEU B 20 -17.03 -48.27 -8.31
N ALA B 21 -16.05 -49.06 -8.81
CA ALA B 21 -16.24 -49.94 -9.96
C ALA B 21 -17.38 -50.94 -9.74
N GLU B 22 -17.51 -51.43 -8.49
CA GLU B 22 -18.52 -52.39 -8.04
C GLU B 22 -19.90 -51.74 -8.08
N VAL B 23 -20.01 -50.45 -7.67
CA VAL B 23 -21.26 -49.67 -7.74
C VAL B 23 -21.61 -49.45 -9.23
N GLY B 24 -20.58 -49.17 -10.04
CA GLY B 24 -20.71 -49.03 -11.49
C GLY B 24 -21.20 -50.31 -12.15
N LYS B 25 -20.74 -51.48 -11.65
CA LYS B 25 -21.17 -52.77 -12.18
C LYS B 25 -22.60 -53.05 -11.85
N LYS B 26 -23.08 -52.63 -10.65
CA LYS B 26 -24.49 -52.79 -10.25
C LYS B 26 -25.40 -51.92 -11.14
N PHE B 27 -24.98 -50.67 -11.43
CA PHE B 27 -25.70 -49.73 -12.29
C PHE B 27 -25.81 -50.29 -13.71
N GLU B 28 -24.70 -50.86 -14.20
CA GLU B 28 -24.60 -51.48 -15.53
C GLU B 28 -25.55 -52.64 -15.66
N LYS B 29 -25.59 -53.50 -14.66
CA LYS B 29 -26.45 -54.68 -14.65
C LYS B 29 -27.92 -54.28 -14.70
N ASP B 30 -28.30 -53.24 -13.92
CA ASP B 30 -29.67 -52.77 -13.83
C ASP B 30 -30.17 -51.98 -15.00
N THR B 31 -29.32 -51.11 -15.56
CA THR B 31 -29.71 -50.20 -16.65
C THR B 31 -29.26 -50.60 -18.04
N GLY B 32 -28.18 -51.38 -18.12
CA GLY B 32 -27.58 -51.76 -19.39
C GLY B 32 -26.52 -50.76 -19.83
N ILE B 33 -26.39 -49.62 -19.12
CA ILE B 33 -25.43 -48.55 -19.39
C ILE B 33 -24.07 -48.94 -18.80
N LYS B 34 -23.03 -49.02 -19.66
CA LYS B 34 -21.65 -49.32 -19.29
C LYS B 34 -21.05 -48.19 -18.43
N VAL B 35 -20.40 -48.56 -17.33
CA VAL B 35 -19.74 -47.61 -16.44
C VAL B 35 -18.27 -47.95 -16.40
N THR B 36 -17.44 -46.98 -16.74
CA THR B 36 -15.99 -47.13 -16.75
C THR B 36 -15.36 -46.20 -15.70
N VAL B 37 -14.70 -46.78 -14.71
CA VAL B 37 -13.99 -45.99 -13.69
C VAL B 37 -12.50 -45.92 -14.06
N GLU B 38 -11.97 -44.69 -14.17
CA GLU B 38 -10.59 -44.41 -14.55
C GLU B 38 -9.88 -43.62 -13.47
N HIS B 39 -8.54 -43.79 -13.40
CA HIS B 39 -7.68 -43.12 -12.41
C HIS B 39 -6.52 -42.42 -13.13
N PRO B 40 -6.79 -41.34 -13.92
CA PRO B 40 -5.67 -40.67 -14.62
C PRO B 40 -4.73 -39.95 -13.67
N ASP B 41 -3.46 -39.79 -14.08
CA ASP B 41 -2.50 -39.06 -13.28
C ASP B 41 -2.81 -37.59 -13.39
N LYS B 42 -2.77 -36.87 -12.24
CA LYS B 42 -3.06 -35.44 -12.13
C LYS B 42 -4.42 -35.11 -12.77
N LEU B 43 -5.46 -35.87 -12.35
CA LEU B 43 -6.81 -35.74 -12.90
C LEU B 43 -7.44 -34.39 -12.65
N GLU B 44 -7.09 -33.77 -11.52
CA GLU B 44 -7.60 -32.45 -11.14
C GLU B 44 -7.01 -31.37 -12.04
N GLU B 45 -5.92 -31.68 -12.73
CA GLU B 45 -5.31 -30.77 -13.70
C GLU B 45 -5.74 -31.16 -15.09
N LYS B 46 -5.81 -32.47 -15.39
CA LYS B 46 -6.24 -33.01 -16.68
C LYS B 46 -7.70 -32.60 -16.98
N PHE B 47 -8.58 -32.64 -15.95
CA PHE B 47 -9.99 -32.25 -16.10
C PHE B 47 -10.21 -30.83 -16.67
N PRO B 48 -9.72 -29.71 -16.06
CA PRO B 48 -9.97 -28.39 -16.66
C PRO B 48 -9.38 -28.21 -18.07
N GLN B 49 -8.38 -29.02 -18.44
CA GLN B 49 -7.76 -28.98 -19.75
C GLN B 49 -8.68 -29.60 -20.79
N VAL B 50 -9.09 -30.86 -20.59
CA VAL B 50 -9.97 -31.59 -21.52
C VAL B 50 -11.42 -31.09 -21.55
N ALA B 51 -12.01 -30.78 -20.38
CA ALA B 51 -13.39 -30.32 -20.26
C ALA B 51 -13.61 -28.99 -20.95
N ALA B 52 -12.55 -28.13 -21.04
CA ALA B 52 -12.62 -26.84 -21.74
C ALA B 52 -12.87 -26.99 -23.27
N THR B 53 -12.62 -28.20 -23.81
CA THR B 53 -12.79 -28.53 -25.23
C THR B 53 -14.03 -29.42 -25.47
N GLY B 54 -14.82 -29.63 -24.42
CA GLY B 54 -16.03 -30.44 -24.47
C GLY B 54 -15.77 -31.93 -24.42
N ASP B 55 -14.64 -32.31 -23.80
CA ASP B 55 -14.20 -33.69 -23.65
C ASP B 55 -14.10 -34.03 -22.16
N GLY B 56 -13.52 -35.18 -21.85
CA GLY B 56 -13.32 -35.61 -20.47
C GLY B 56 -14.32 -36.64 -19.97
N PRO B 57 -14.35 -36.84 -18.63
CA PRO B 57 -15.29 -37.82 -18.07
C PRO B 57 -16.70 -37.24 -17.96
N ASP B 58 -17.69 -38.08 -17.67
CA ASP B 58 -19.05 -37.61 -17.42
C ASP B 58 -19.07 -37.08 -15.96
N ILE B 59 -18.40 -37.82 -15.06
CA ILE B 59 -18.29 -37.53 -13.62
C ILE B 59 -16.83 -37.40 -13.20
N ILE B 60 -16.53 -36.39 -12.39
CA ILE B 60 -15.21 -36.15 -11.83
C ILE B 60 -15.32 -36.09 -10.30
N PHE B 61 -14.47 -36.85 -9.61
CA PHE B 61 -14.38 -36.90 -8.16
C PHE B 61 -13.08 -36.23 -7.71
N TRP B 62 -13.20 -35.18 -6.85
CA TRP B 62 -12.08 -34.45 -6.26
C TRP B 62 -12.55 -33.66 -5.03
N ALA B 63 -11.61 -33.08 -4.27
CA ALA B 63 -11.94 -32.20 -3.13
C ALA B 63 -12.71 -30.98 -3.67
N HIS B 64 -13.72 -30.50 -2.93
CA HIS B 64 -14.61 -29.41 -3.35
C HIS B 64 -13.96 -28.07 -3.69
N ASP B 65 -12.78 -27.78 -3.15
CA ASP B 65 -12.10 -26.50 -3.33
C ASP B 65 -11.75 -26.14 -4.79
N ARG B 66 -11.58 -27.17 -5.63
CA ARG B 66 -11.23 -27.01 -7.04
C ARG B 66 -12.48 -26.83 -7.88
N PHE B 67 -13.66 -27.18 -7.34
CA PHE B 67 -14.94 -27.13 -8.04
C PHE B 67 -15.48 -25.76 -8.39
N GLY B 68 -15.23 -24.76 -7.54
CA GLY B 68 -15.64 -23.38 -7.80
C GLY B 68 -14.97 -22.84 -9.05
N GLY B 69 -13.67 -23.14 -9.20
CA GLY B 69 -12.85 -22.78 -10.35
C GLY B 69 -13.31 -23.49 -11.61
N TYR B 70 -13.75 -24.76 -11.50
CA TYR B 70 -14.26 -25.51 -12.66
C TYR B 70 -15.63 -24.95 -13.10
N ALA B 71 -16.50 -24.58 -12.12
CA ALA B 71 -17.82 -24.02 -12.34
C ALA B 71 -17.70 -22.62 -12.98
N GLN B 72 -16.69 -21.81 -12.54
CA GLN B 72 -16.43 -20.48 -13.06
C GLN B 72 -16.03 -20.54 -14.55
N SER B 73 -15.27 -21.59 -14.93
CA SER B 73 -14.82 -21.83 -16.30
C SER B 73 -15.93 -22.51 -17.17
N GLY B 74 -17.12 -22.73 -16.58
CA GLY B 74 -18.26 -23.34 -17.23
C GLY B 74 -18.10 -24.82 -17.52
N LEU B 75 -17.35 -25.54 -16.67
CA LEU B 75 -17.04 -26.95 -16.87
C LEU B 75 -17.98 -27.92 -16.19
N LEU B 76 -18.77 -27.45 -15.21
CA LEU B 76 -19.69 -28.27 -14.43
C LEU B 76 -21.15 -27.93 -14.65
N ALA B 77 -21.99 -28.96 -14.75
CA ALA B 77 -23.43 -28.83 -14.87
C ALA B 77 -24.03 -28.53 -13.49
N GLU B 78 -25.09 -27.70 -13.46
CA GLU B 78 -25.81 -27.43 -12.21
C GLU B 78 -26.54 -28.71 -11.83
N ILE B 79 -26.39 -29.13 -10.58
CA ILE B 79 -27.06 -30.34 -10.17
C ILE B 79 -28.46 -30.00 -9.62
N THR B 80 -29.44 -30.90 -9.86
CA THR B 80 -30.83 -30.65 -9.52
C THR B 80 -31.45 -31.67 -8.51
N PRO B 81 -30.91 -31.88 -7.27
CA PRO B 81 -31.55 -32.85 -6.37
C PRO B 81 -32.85 -32.29 -5.80
N ALA B 82 -33.84 -33.16 -5.63
CA ALA B 82 -35.12 -32.80 -5.02
C ALA B 82 -34.89 -32.55 -3.52
N ALA B 83 -35.82 -31.83 -2.88
CA ALA B 83 -35.75 -31.49 -1.45
C ALA B 83 -35.53 -32.71 -0.56
N ALA B 84 -36.22 -33.84 -0.88
CA ALA B 84 -36.11 -35.09 -0.14
C ALA B 84 -34.72 -35.71 -0.27
N PHE B 85 -34.03 -35.53 -1.42
CA PHE B 85 -32.67 -36.02 -1.60
C PHE B 85 -31.70 -35.12 -0.81
N GLN B 86 -31.85 -33.78 -0.94
CA GLN B 86 -31.04 -32.80 -0.21
C GLN B 86 -31.03 -33.04 1.31
N ASP B 87 -32.18 -33.44 1.90
N ASP B 87 -32.19 -33.44 1.86
CA ASP B 87 -32.28 -33.74 3.34
CA ASP B 87 -32.40 -33.77 3.28
C ASP B 87 -31.44 -34.95 3.77
C ASP B 87 -31.56 -34.98 3.75
N LYS B 88 -31.09 -35.86 2.84
CA LYS B 88 -30.31 -37.07 3.19
C LYS B 88 -28.86 -36.79 3.53
N LEU B 89 -28.37 -35.63 3.08
CA LEU B 89 -26.98 -35.17 3.22
C LEU B 89 -26.89 -33.97 4.17
N TYR B 90 -25.77 -33.84 4.91
CA TYR B 90 -25.58 -32.74 5.86
C TYR B 90 -25.58 -31.35 5.16
N PRO B 91 -26.29 -30.33 5.72
CA PRO B 91 -26.31 -28.99 5.07
C PRO B 91 -24.97 -28.35 4.74
N PHE B 92 -23.93 -28.53 5.59
CA PHE B 92 -22.62 -27.93 5.35
C PHE B 92 -21.89 -28.52 4.14
N THR B 93 -22.22 -29.78 3.79
CA THR B 93 -21.64 -30.45 2.62
C THR B 93 -22.23 -29.83 1.35
N TRP B 94 -23.55 -29.46 1.39
CA TRP B 94 -24.23 -28.79 0.27
C TRP B 94 -23.68 -27.39 0.08
N ASP B 95 -23.33 -26.70 1.20
CA ASP B 95 -22.76 -25.36 1.19
C ASP B 95 -21.40 -25.36 0.50
N ALA B 96 -20.57 -26.39 0.76
CA ALA B 96 -19.25 -26.59 0.18
C ALA B 96 -19.26 -26.70 -1.35
N VAL B 97 -20.34 -27.25 -1.93
CA VAL B 97 -20.55 -27.47 -3.38
C VAL B 97 -21.50 -26.41 -3.98
N ARG B 98 -21.85 -25.37 -3.21
CA ARG B 98 -22.68 -24.29 -3.72
C ARG B 98 -21.74 -23.18 -4.20
N TYR B 99 -21.87 -22.84 -5.49
CA TYR B 99 -21.07 -21.80 -6.16
C TYR B 99 -21.99 -20.88 -6.95
N ASN B 100 -21.92 -19.56 -6.66
CA ASN B 100 -22.74 -18.51 -7.26
C ASN B 100 -24.24 -18.88 -7.15
N GLY B 101 -24.61 -19.35 -5.94
CA GLY B 101 -25.97 -19.78 -5.60
C GLY B 101 -26.49 -21.05 -6.25
N LYS B 102 -25.66 -21.72 -7.10
CA LYS B 102 -26.04 -22.97 -7.76
C LYS B 102 -25.31 -24.17 -7.16
N LEU B 103 -25.97 -25.35 -7.07
CA LEU B 103 -25.29 -26.58 -6.63
C LEU B 103 -24.53 -27.14 -7.84
N ILE B 104 -23.21 -27.29 -7.70
CA ILE B 104 -22.37 -27.71 -8.81
C ILE B 104 -21.73 -29.12 -8.69
N ALA B 105 -22.04 -29.83 -7.59
CA ALA B 105 -21.51 -31.17 -7.35
C ALA B 105 -22.31 -31.86 -6.29
N TYR B 106 -22.11 -33.16 -6.14
CA TYR B 106 -22.73 -33.98 -5.11
C TYR B 106 -21.71 -34.24 -4.02
N PRO B 107 -21.98 -33.87 -2.76
CA PRO B 107 -21.03 -34.21 -1.68
C PRO B 107 -21.03 -35.72 -1.45
N ILE B 108 -19.83 -36.30 -1.23
CA ILE B 108 -19.67 -37.74 -1.02
C ILE B 108 -19.13 -38.02 0.38
N ALA B 109 -17.91 -37.55 0.69
CA ALA B 109 -17.25 -37.75 1.98
C ALA B 109 -16.72 -36.46 2.57
N VAL B 110 -16.63 -36.40 3.90
CA VAL B 110 -16.10 -35.26 4.65
C VAL B 110 -14.77 -35.74 5.23
N GLU B 111 -13.73 -34.94 5.03
CA GLU B 111 -12.40 -35.25 5.53
C GLU B 111 -11.72 -34.06 6.22
N ALA B 112 -10.90 -34.40 7.20
CA ALA B 112 -10.11 -33.46 7.96
C ALA B 112 -8.91 -34.23 8.48
N LEU B 113 -7.80 -33.51 8.71
CA LEU B 113 -6.60 -34.07 9.31
C LEU B 113 -6.89 -34.36 10.80
N SER B 114 -6.28 -35.43 11.33
CA SER B 114 -6.38 -35.76 12.74
C SER B 114 -4.98 -36.04 13.28
N LEU B 115 -4.86 -36.14 14.60
CA LEU B 115 -3.60 -36.48 15.23
C LEU B 115 -3.54 -38.01 15.28
N ILE B 116 -2.56 -38.58 14.58
CA ILE B 116 -2.33 -40.02 14.55
C ILE B 116 -1.15 -40.29 15.46
N TYR B 117 -1.33 -41.17 16.44
CA TYR B 117 -0.30 -41.50 17.43
C TYR B 117 -0.01 -42.98 17.56
N ASN B 118 1.23 -43.31 17.97
CA ASN B 118 1.70 -44.66 18.22
C ASN B 118 1.39 -44.98 19.69
N LYS B 119 0.44 -45.90 19.93
CA LYS B 119 -0.01 -46.33 21.28
C LYS B 119 1.10 -46.98 22.10
N ASP B 120 2.08 -47.60 21.44
CA ASP B 120 3.19 -48.27 22.12
C ASP B 120 4.23 -47.28 22.64
N LEU B 121 4.54 -46.22 21.87
CA LEU B 121 5.51 -45.19 22.27
C LEU B 121 4.84 -44.13 23.12
N LEU B 122 3.57 -43.84 22.82
CA LEU B 122 2.81 -42.78 23.46
C LEU B 122 1.39 -43.25 23.78
N PRO B 123 1.17 -43.86 24.97
CA PRO B 123 -0.18 -44.34 25.32
C PRO B 123 -1.20 -43.21 25.47
N ASN B 124 -0.76 -42.04 25.97
CA ASN B 124 -1.60 -40.86 26.13
C ASN B 124 -1.06 -39.70 25.27
N PRO B 125 -1.68 -39.44 24.10
CA PRO B 125 -1.20 -38.34 23.24
C PRO B 125 -1.37 -36.96 23.88
N PRO B 126 -0.48 -35.98 23.58
CA PRO B 126 -0.63 -34.65 24.16
C PRO B 126 -1.90 -33.94 23.70
N LYS B 127 -2.52 -33.22 24.63
CA LYS B 127 -3.74 -32.47 24.39
C LYS B 127 -3.46 -31.07 23.84
N THR B 128 -2.24 -30.56 24.08
CA THR B 128 -1.80 -29.23 23.67
C THR B 128 -0.52 -29.28 22.82
N TRP B 129 -0.37 -28.30 21.89
CA TRP B 129 0.81 -28.13 21.05
C TRP B 129 2.00 -27.76 21.94
N GLU B 130 1.76 -26.93 22.97
CA GLU B 130 2.76 -26.42 23.92
C GLU B 130 3.53 -27.50 24.70
N GLU B 131 2.97 -28.70 24.84
CA GLU B 131 3.65 -29.77 25.56
C GLU B 131 4.52 -30.68 24.68
N ILE B 132 4.43 -30.52 23.34
CA ILE B 132 5.20 -31.26 22.34
C ILE B 132 6.75 -31.05 22.49
N PRO B 133 7.31 -29.82 22.69
CA PRO B 133 8.77 -29.73 22.88
C PRO B 133 9.32 -30.57 24.04
N ALA B 134 8.62 -30.59 25.20
CA ALA B 134 9.05 -31.39 26.37
C ALA B 134 8.94 -32.89 26.09
N LEU B 135 7.94 -33.29 25.28
CA LEU B 135 7.70 -34.66 24.87
C LEU B 135 8.82 -35.14 23.93
N ASP B 136 9.28 -34.25 23.03
CA ASP B 136 10.34 -34.53 22.08
C ASP B 136 11.68 -34.78 22.78
N LYS B 137 12.02 -33.95 23.79
CA LYS B 137 13.25 -34.12 24.58
C LYS B 137 13.26 -35.52 25.25
N GLU B 138 12.11 -35.96 25.82
CA GLU B 138 11.96 -37.27 26.45
C GLU B 138 12.12 -38.42 25.44
N LEU B 139 11.55 -38.26 24.24
CA LEU B 139 11.61 -39.26 23.18
C LEU B 139 12.94 -39.33 22.49
N LYS B 140 13.64 -38.18 22.36
CA LYS B 140 14.96 -38.09 21.71
C LYS B 140 16.02 -38.91 22.46
N ALA B 141 15.89 -38.98 23.80
CA ALA B 141 16.75 -39.75 24.69
C ALA B 141 16.59 -41.25 24.42
N LYS B 142 15.39 -41.65 23.93
CA LYS B 142 15.05 -43.03 23.61
C LYS B 142 15.32 -43.35 22.12
N GLY B 143 15.92 -42.39 21.40
CA GLY B 143 16.23 -42.53 19.99
C GLY B 143 15.01 -42.44 19.08
N LYS B 144 14.00 -41.63 19.49
CA LYS B 144 12.76 -41.41 18.76
C LYS B 144 12.45 -39.91 18.71
N SER B 145 11.39 -39.52 18.00
CA SER B 145 10.96 -38.12 17.93
C SER B 145 9.47 -38.04 18.31
N ALA B 146 9.01 -36.86 18.75
CA ALA B 146 7.60 -36.70 19.13
C ALA B 146 6.64 -36.62 17.94
N LEU B 147 6.90 -35.71 16.99
CA LEU B 147 6.02 -35.46 15.87
C LEU B 147 6.75 -35.24 14.55
N MET B 148 6.18 -35.80 13.49
CA MET B 148 6.67 -35.67 12.13
C MET B 148 5.48 -35.66 11.20
N PHE B 149 5.28 -34.55 10.49
CA PHE B 149 4.20 -34.41 9.52
C PHE B 149 4.66 -33.56 8.35
N ASN B 150 3.94 -33.64 7.23
CA ASN B 150 4.24 -32.88 6.02
C ASN B 150 4.22 -31.35 6.27
N LEU B 151 5.40 -30.70 6.19
CA LEU B 151 5.49 -29.25 6.40
C LEU B 151 5.44 -28.48 5.09
N GLN B 152 5.46 -29.18 3.94
CA GLN B 152 5.51 -28.60 2.59
C GLN B 152 4.18 -28.05 2.08
N GLU B 153 3.08 -28.70 2.42
CA GLU B 153 1.78 -28.30 1.94
C GLU B 153 1.06 -27.40 2.94
N PRO B 154 0.56 -26.21 2.50
CA PRO B 154 -0.17 -25.32 3.45
C PRO B 154 -1.41 -25.95 4.11
N TYR B 155 -1.99 -26.99 3.48
CA TYR B 155 -3.16 -27.70 4.01
C TYR B 155 -2.82 -28.36 5.35
N PHE B 156 -1.56 -28.86 5.45
CA PHE B 156 -1.04 -29.58 6.61
C PHE B 156 -0.59 -28.67 7.76
N THR B 157 -0.07 -27.46 7.44
CA THR B 157 0.42 -26.49 8.42
C THR B 157 -0.69 -25.59 8.96
N TRP B 158 -1.78 -25.41 8.17
CA TRP B 158 -2.94 -24.61 8.52
C TRP B 158 -3.59 -24.92 9.88
N PRO B 159 -3.86 -26.21 10.29
CA PRO B 159 -4.49 -26.45 11.61
C PRO B 159 -3.90 -25.62 12.75
N LEU B 160 -2.56 -25.54 12.82
CA LEU B 160 -1.82 -24.76 13.81
C LEU B 160 -1.85 -23.23 13.52
N ILE B 161 -1.66 -22.82 12.26
CA ILE B 161 -1.66 -21.41 11.83
C ILE B 161 -3.03 -20.75 12.10
N ALA B 162 -4.13 -21.43 11.71
CA ALA B 162 -5.49 -20.91 11.88
C ALA B 162 -6.06 -20.95 13.31
N ALA B 163 -5.51 -21.84 14.18
CA ALA B 163 -5.99 -22.05 15.55
C ALA B 163 -6.34 -20.78 16.36
N ASP B 164 -5.41 -19.82 16.45
CA ASP B 164 -5.57 -18.57 17.20
C ASP B 164 -6.13 -17.38 16.37
N GLY B 165 -6.64 -17.62 15.15
CA GLY B 165 -7.24 -16.53 14.39
C GLY B 165 -7.07 -16.41 12.88
N GLY B 166 -6.29 -17.29 12.27
CA GLY B 166 -6.14 -17.26 10.83
C GLY B 166 -7.37 -17.78 10.09
N TYR B 167 -7.57 -17.32 8.84
CA TYR B 167 -8.65 -17.73 7.94
C TYR B 167 -8.21 -17.49 6.50
N ALA B 168 -8.78 -18.26 5.54
CA ALA B 168 -8.48 -18.16 4.12
C ALA B 168 -9.12 -16.85 3.60
N PHE B 169 -10.43 -16.85 3.34
CA PHE B 169 -11.23 -15.69 2.96
C PHE B 169 -12.37 -15.58 3.96
N LYS B 170 -12.73 -14.36 4.39
CA LYS B 170 -13.83 -14.14 5.34
C LYS B 170 -15.19 -14.46 4.72
N TYR B 171 -16.02 -15.25 5.43
CA TYR B 171 -17.34 -15.65 5.00
C TYR B 171 -18.39 -14.99 5.87
N GLU B 172 -19.14 -14.05 5.29
CA GLU B 172 -20.23 -13.32 5.94
C GLU B 172 -21.34 -13.08 4.93
N ASN B 173 -22.61 -13.24 5.39
CA ASN B 173 -23.84 -13.07 4.60
C ASN B 173 -23.89 -14.06 3.41
N GLY B 174 -23.47 -15.30 3.68
CA GLY B 174 -23.42 -16.38 2.71
C GLY B 174 -22.47 -16.20 1.54
N LYS B 175 -21.53 -15.24 1.64
CA LYS B 175 -20.57 -14.91 0.60
C LYS B 175 -19.13 -14.74 1.14
N TYR B 176 -18.14 -15.14 0.32
CA TYR B 176 -16.73 -14.95 0.64
C TYR B 176 -16.30 -13.54 0.17
N ASP B 177 -15.57 -12.81 1.02
CA ASP B 177 -15.04 -11.49 0.67
C ASP B 177 -13.60 -11.70 0.20
N ILE B 178 -13.36 -11.59 -1.13
CA ILE B 178 -12.03 -11.80 -1.73
C ILE B 178 -10.96 -10.77 -1.34
N LYS B 179 -11.39 -9.70 -0.67
CA LYS B 179 -10.50 -8.63 -0.21
C LYS B 179 -10.10 -8.82 1.26
N ASP B 180 -10.83 -9.71 1.98
CA ASP B 180 -10.58 -10.05 3.38
C ASP B 180 -9.92 -11.42 3.50
N VAL B 181 -8.58 -11.44 3.44
CA VAL B 181 -7.69 -12.59 3.61
C VAL B 181 -7.15 -12.53 5.06
N GLY B 182 -7.17 -13.67 5.77
CA GLY B 182 -6.75 -13.70 7.18
C GLY B 182 -5.45 -14.39 7.45
N VAL B 183 -4.41 -13.99 6.72
CA VAL B 183 -3.05 -14.51 6.78
C VAL B 183 -2.15 -13.57 7.61
N ASP B 184 -2.30 -12.26 7.41
CA ASP B 184 -1.51 -11.23 8.09
C ASP B 184 -2.29 -10.68 9.29
N ASN B 185 -2.33 -11.45 10.36
CA ASN B 185 -3.02 -11.10 11.59
C ASN B 185 -2.31 -11.77 12.75
N ALA B 186 -2.65 -11.35 13.99
CA ALA B 186 -2.09 -11.84 15.25
C ALA B 186 -2.17 -13.35 15.43
N GLY B 187 -3.30 -13.94 15.03
CA GLY B 187 -3.55 -15.37 15.14
C GLY B 187 -2.63 -16.24 14.30
N ALA B 188 -2.56 -15.95 12.99
CA ALA B 188 -1.71 -16.66 12.04
C ALA B 188 -0.22 -16.50 12.41
N LYS B 189 0.18 -15.30 12.91
CA LYS B 189 1.55 -15.00 13.36
C LYS B 189 1.94 -15.84 14.58
N ALA B 190 1.03 -16.00 15.57
CA ALA B 190 1.23 -16.82 16.76
C ALA B 190 1.42 -18.31 16.39
N GLY B 191 0.56 -18.84 15.51
CA GLY B 191 0.60 -20.22 15.06
C GLY B 191 1.85 -20.56 14.27
N LEU B 192 2.20 -19.71 13.28
CA LEU B 192 3.39 -19.91 12.46
C LEU B 192 4.68 -19.76 13.29
N THR B 193 4.70 -18.82 14.28
CA THR B 193 5.82 -18.63 15.20
C THR B 193 6.05 -19.92 15.99
N PHE B 194 4.97 -20.53 16.51
CA PHE B 194 5.08 -21.79 17.24
C PHE B 194 5.69 -22.91 16.35
N LEU B 195 5.16 -23.06 15.11
CA LEU B 195 5.63 -24.00 14.09
C LEU B 195 7.13 -23.81 13.75
N VAL B 196 7.53 -22.56 13.51
CA VAL B 196 8.90 -22.20 13.17
C VAL B 196 9.86 -22.40 14.36
N ASP B 197 9.37 -22.10 15.58
CA ASP B 197 10.14 -22.33 16.80
C ASP B 197 10.43 -23.85 16.97
N LEU B 198 9.44 -24.74 16.63
CA LEU B 198 9.63 -26.20 16.68
C LEU B 198 10.79 -26.61 15.77
N ILE B 199 10.89 -25.98 14.58
CA ILE B 199 11.96 -26.22 13.62
C ILE B 199 13.29 -25.68 14.17
N LYS B 200 13.29 -24.43 14.67
CA LYS B 200 14.49 -23.81 15.23
C LYS B 200 15.05 -24.57 16.43
N ASN B 201 14.15 -25.07 17.31
CA ASN B 201 14.51 -25.85 18.49
C ASN B 201 14.83 -27.31 18.14
N LYS B 202 14.82 -27.62 16.83
CA LYS B 202 15.14 -28.94 16.24
C LYS B 202 14.17 -30.08 16.60
N HIS B 203 12.93 -29.72 16.98
CA HIS B 203 11.86 -30.70 17.27
C HIS B 203 11.25 -31.24 15.97
N MET B 204 11.42 -30.48 14.87
CA MET B 204 10.97 -30.80 13.50
C MET B 204 11.99 -30.24 12.52
N ASN B 205 12.00 -30.76 11.28
CA ASN B 205 12.91 -30.33 10.21
C ASN B 205 12.11 -29.69 9.08
N ALA B 206 12.59 -28.54 8.56
CA ALA B 206 11.96 -27.77 7.47
C ALA B 206 11.75 -28.57 6.19
N ASP B 207 12.61 -29.55 5.92
CA ASP B 207 12.55 -30.39 4.73
C ASP B 207 11.50 -31.52 4.82
N THR B 208 10.90 -31.78 6.02
CA THR B 208 9.91 -32.84 6.18
C THR B 208 8.69 -32.69 5.25
N ASP B 209 8.49 -33.70 4.39
CA ASP B 209 7.40 -33.81 3.43
C ASP B 209 6.51 -35.03 3.73
N TYR B 210 5.54 -35.32 2.84
CA TYR B 210 4.61 -36.43 2.98
C TYR B 210 5.29 -37.78 3.16
N SER B 211 6.21 -38.15 2.24
CA SER B 211 6.94 -39.40 2.25
C SER B 211 7.79 -39.60 3.49
N ILE B 212 8.57 -38.58 3.88
CA ILE B 212 9.44 -38.64 5.07
C ILE B 212 8.60 -38.91 6.34
N ALA B 213 7.51 -38.13 6.53
CA ALA B 213 6.61 -38.27 7.68
C ALA B 213 5.95 -39.65 7.72
N GLU B 214 5.43 -40.12 6.56
CA GLU B 214 4.77 -41.42 6.43
C GLU B 214 5.71 -42.56 6.79
N ALA B 215 6.93 -42.58 6.20
CA ALA B 215 7.94 -43.60 6.47
C ALA B 215 8.33 -43.62 7.92
N ALA B 216 8.55 -42.43 8.52
CA ALA B 216 8.96 -42.31 9.92
C ALA B 216 7.92 -42.88 10.88
N PHE B 217 6.64 -42.51 10.69
CA PHE B 217 5.56 -42.99 11.55
C PHE B 217 5.31 -44.50 11.38
N ASN B 218 5.23 -44.97 10.12
CA ASN B 218 4.98 -46.37 9.78
C ASN B 218 6.13 -47.32 10.11
N LYS B 219 7.35 -46.78 10.34
CA LYS B 219 8.51 -47.57 10.75
C LYS B 219 8.72 -47.49 12.27
N GLY B 220 7.81 -46.80 12.96
CA GLY B 220 7.84 -46.62 14.42
C GLY B 220 8.95 -45.73 14.91
N GLU B 221 9.40 -44.77 14.08
CA GLU B 221 10.49 -43.85 14.44
C GLU B 221 9.99 -42.58 15.13
N THR B 222 8.73 -42.21 14.86
CA THR B 222 8.08 -41.02 15.45
C THR B 222 6.80 -41.43 16.20
N ALA B 223 6.54 -40.80 17.36
CA ALA B 223 5.37 -41.15 18.17
C ALA B 223 4.07 -40.62 17.60
N MET B 224 4.13 -39.56 16.79
CA MET B 224 2.93 -38.95 16.20
C MET B 224 3.18 -38.47 14.79
N THR B 225 2.08 -38.33 14.05
CA THR B 225 2.01 -37.75 12.71
C THR B 225 0.66 -37.02 12.60
N ILE B 226 0.51 -36.19 11.56
CA ILE B 226 -0.74 -35.51 11.26
C ILE B 226 -1.06 -35.91 9.84
N ASN B 227 -2.21 -36.57 9.67
CA ASN B 227 -2.68 -37.04 8.37
C ASN B 227 -4.20 -37.28 8.36
N GLY B 228 -4.74 -37.61 7.19
CA GLY B 228 -6.16 -37.84 6.98
C GLY B 228 -6.49 -39.30 6.71
N PRO B 229 -7.78 -39.60 6.39
CA PRO B 229 -8.19 -41.01 6.17
C PRO B 229 -7.49 -41.76 5.02
N TRP B 230 -7.02 -41.00 3.98
CA TRP B 230 -6.29 -41.52 2.82
C TRP B 230 -4.99 -42.24 3.21
N ALA B 231 -4.46 -41.93 4.42
CA ALA B 231 -3.22 -42.51 4.97
C ALA B 231 -3.40 -43.76 5.85
N TRP B 232 -4.62 -44.04 6.35
CA TRP B 232 -4.92 -45.16 7.28
C TRP B 232 -4.51 -46.55 6.77
N SER B 233 -4.81 -46.84 5.49
CA SER B 233 -4.52 -48.10 4.81
C SER B 233 -3.03 -48.52 4.88
N ASN B 234 -2.09 -47.55 4.68
CA ASN B 234 -0.66 -47.81 4.78
C ASN B 234 -0.25 -48.05 6.24
N ILE B 235 -0.93 -47.36 7.19
CA ILE B 235 -0.67 -47.58 8.62
C ILE B 235 -1.14 -48.98 9.02
N ASP B 236 -2.27 -49.45 8.44
CA ASP B 236 -2.78 -50.80 8.71
C ASP B 236 -1.72 -51.81 8.30
N THR B 237 -1.19 -51.70 7.07
CA THR B 237 -0.14 -52.58 6.54
C THR B 237 1.15 -52.55 7.40
N SER B 238 1.52 -51.38 7.96
CA SER B 238 2.74 -51.23 8.78
C SER B 238 2.68 -51.99 10.10
N ALA B 239 1.46 -52.36 10.55
CA ALA B 239 1.15 -53.10 11.79
C ALA B 239 1.42 -52.30 13.07
N VAL B 240 1.62 -50.96 12.92
CA VAL B 240 1.85 -50.02 14.04
C VAL B 240 0.53 -49.94 14.83
N ASN B 241 0.62 -50.07 16.17
CA ASN B 241 -0.54 -49.96 17.06
C ASN B 241 -0.87 -48.46 17.15
N TYR B 242 -1.70 -47.99 16.19
CA TYR B 242 -2.06 -46.59 16.09
C TYR B 242 -3.44 -46.21 16.60
N GLY B 243 -3.55 -44.95 16.98
CA GLY B 243 -4.76 -44.29 17.43
C GLY B 243 -4.94 -43.01 16.64
N VAL B 244 -6.19 -42.65 16.36
CA VAL B 244 -6.54 -41.44 15.64
C VAL B 244 -7.33 -40.60 16.61
N THR B 245 -6.86 -39.37 16.85
CA THR B 245 -7.48 -38.51 17.86
C THR B 245 -7.65 -37.05 17.47
N VAL B 246 -8.21 -36.26 18.40
CA VAL B 246 -8.40 -34.82 18.26
C VAL B 246 -7.00 -34.14 18.16
N LEU B 247 -6.87 -33.17 17.25
CA LEU B 247 -5.63 -32.41 17.08
C LEU B 247 -5.31 -31.63 18.37
N PRO B 248 -4.02 -31.37 18.71
CA PRO B 248 -3.74 -30.63 19.94
C PRO B 248 -4.27 -29.20 19.90
N THR B 249 -4.48 -28.61 21.06
CA THR B 249 -4.94 -27.23 21.13
C THR B 249 -3.73 -26.30 21.07
N PHE B 250 -3.94 -25.07 20.60
CA PHE B 250 -2.89 -24.07 20.60
C PHE B 250 -3.49 -22.87 21.31
N LYS B 251 -2.77 -22.32 22.30
CA LYS B 251 -3.19 -21.19 23.13
C LYS B 251 -4.60 -21.42 23.74
N GLY B 252 -4.88 -22.68 24.09
CA GLY B 252 -6.16 -23.11 24.66
C GLY B 252 -7.28 -23.31 23.66
N GLN B 253 -7.04 -22.90 22.41
CA GLN B 253 -8.02 -23.01 21.32
C GLN B 253 -7.74 -24.24 20.45
N PRO B 254 -8.79 -24.89 19.90
CA PRO B 254 -8.54 -26.07 19.05
C PRO B 254 -7.82 -25.73 17.75
N SER B 255 -7.08 -26.71 17.18
CA SER B 255 -6.45 -26.57 15.87
C SER B 255 -7.63 -26.48 14.90
N LYS B 256 -7.54 -25.61 13.89
CA LYS B 256 -8.63 -25.36 12.94
C LYS B 256 -8.20 -25.92 11.58
N PRO B 257 -8.29 -27.25 11.36
CA PRO B 257 -7.87 -27.77 10.05
C PRO B 257 -8.85 -27.38 8.97
N PHE B 258 -8.43 -27.46 7.71
CA PHE B 258 -9.36 -27.25 6.62
C PHE B 258 -10.27 -28.48 6.52
N VAL B 259 -11.49 -28.27 6.07
CA VAL B 259 -12.42 -29.37 5.87
C VAL B 259 -12.61 -29.51 4.38
N GLY B 260 -12.39 -30.72 3.90
CA GLY B 260 -12.56 -31.06 2.50
C GLY B 260 -13.76 -31.96 2.32
N VAL B 261 -14.50 -31.72 1.24
CA VAL B 261 -15.67 -32.52 0.90
C VAL B 261 -15.34 -33.17 -0.46
N LEU B 262 -15.12 -34.51 -0.49
CA LEU B 262 -14.88 -35.25 -1.73
C LEU B 262 -16.21 -35.15 -2.45
N SER B 263 -16.17 -34.60 -3.67
CA SER B 263 -17.36 -34.28 -4.45
C SER B 263 -17.35 -34.89 -5.81
N ALA B 264 -18.55 -35.14 -6.35
CA ALA B 264 -18.74 -35.68 -7.69
C ALA B 264 -19.48 -34.64 -8.58
N GLY B 265 -18.71 -34.05 -9.49
CA GLY B 265 -19.21 -33.06 -10.42
C GLY B 265 -19.55 -33.68 -11.76
N ILE B 266 -20.66 -33.22 -12.36
CA ILE B 266 -21.08 -33.68 -13.68
C ILE B 266 -20.52 -32.72 -14.74
N ASN B 267 -19.79 -33.26 -15.72
CA ASN B 267 -19.24 -32.46 -16.82
C ASN B 267 -20.36 -31.73 -17.58
N ALA B 268 -20.20 -30.41 -17.78
CA ALA B 268 -21.16 -29.57 -18.51
C ALA B 268 -21.33 -30.04 -19.96
N ALA B 269 -20.29 -30.66 -20.54
CA ALA B 269 -20.27 -31.14 -21.93
C ALA B 269 -20.80 -32.56 -22.09
N SER B 270 -21.18 -33.21 -20.97
CA SER B 270 -21.69 -34.55 -20.99
C SER B 270 -23.11 -34.66 -21.60
N PRO B 271 -23.32 -35.64 -22.51
CA PRO B 271 -24.68 -35.89 -23.00
C PRO B 271 -25.45 -36.89 -22.12
N ASN B 272 -24.86 -37.28 -20.96
CA ASN B 272 -25.35 -38.30 -20.05
C ASN B 272 -25.65 -37.78 -18.65
N LYS B 273 -26.07 -36.52 -18.55
CA LYS B 273 -26.41 -35.87 -17.28
C LYS B 273 -27.51 -36.56 -16.45
N GLU B 274 -28.57 -37.08 -17.09
CA GLU B 274 -29.64 -37.81 -16.39
C GLU B 274 -29.17 -39.17 -15.84
N LEU B 275 -28.31 -39.87 -16.61
CA LEU B 275 -27.69 -41.15 -16.21
C LEU B 275 -26.77 -40.91 -15.01
N ALA B 276 -25.98 -39.81 -15.06
CA ALA B 276 -25.04 -39.44 -14.02
C ALA B 276 -25.79 -39.11 -12.73
N LYS B 277 -26.94 -38.42 -12.84
CA LYS B 277 -27.79 -38.08 -11.70
C LYS B 277 -28.35 -39.37 -11.07
N GLU B 278 -28.87 -40.29 -11.91
CA GLU B 278 -29.42 -41.58 -11.46
C GLU B 278 -28.34 -42.40 -10.71
N PHE B 279 -27.12 -42.52 -11.27
CA PHE B 279 -26.01 -43.26 -10.66
C PHE B 279 -25.60 -42.62 -9.31
N LEU B 280 -25.35 -41.32 -9.30
CA LEU B 280 -24.91 -40.61 -8.12
C LEU B 280 -25.93 -40.62 -6.97
N GLU B 281 -27.19 -40.28 -7.25
CA GLU B 281 -28.25 -40.22 -6.25
C GLU B 281 -28.75 -41.58 -5.83
N ASN B 282 -29.01 -42.46 -6.79
CA ASN B 282 -29.66 -43.72 -6.47
C ASN B 282 -28.81 -44.95 -6.35
N TYR B 283 -27.50 -44.86 -6.71
CA TYR B 283 -26.60 -45.99 -6.63
C TYR B 283 -25.48 -45.71 -5.64
N LEU B 284 -24.72 -44.63 -5.88
CA LEU B 284 -23.61 -44.27 -5.02
C LEU B 284 -24.03 -43.70 -3.67
N LEU B 285 -24.84 -42.63 -3.66
CA LEU B 285 -25.26 -41.99 -2.42
C LEU B 285 -26.35 -42.71 -1.67
N THR B 286 -26.12 -43.99 -1.42
CA THR B 286 -26.99 -44.89 -0.67
C THR B 286 -26.09 -45.58 0.38
N ASP B 287 -26.70 -46.15 1.43
CA ASP B 287 -25.94 -46.86 2.46
C ASP B 287 -25.14 -47.98 1.80
N GLU B 288 -25.80 -48.74 0.89
CA GLU B 288 -25.20 -49.85 0.12
C GLU B 288 -24.03 -49.35 -0.78
N GLY B 289 -24.21 -48.24 -1.49
CA GLY B 289 -23.21 -47.68 -2.38
C GLY B 289 -21.98 -47.21 -1.66
N LEU B 290 -22.19 -46.39 -0.60
CA LEU B 290 -21.07 -45.85 0.18
C LEU B 290 -20.31 -46.92 0.95
N GLU B 291 -20.99 -47.99 1.40
CA GLU B 291 -20.38 -49.11 2.10
C GLU B 291 -19.51 -49.92 1.15
N ALA B 292 -19.95 -50.10 -0.12
CA ALA B 292 -19.18 -50.83 -1.12
C ALA B 292 -17.84 -50.13 -1.34
N VAL B 293 -17.85 -48.78 -1.46
CA VAL B 293 -16.66 -47.93 -1.66
C VAL B 293 -15.75 -47.94 -0.41
N ASN B 294 -16.36 -47.75 0.80
CA ASN B 294 -15.69 -47.71 2.10
C ASN B 294 -15.03 -49.04 2.50
N LYS B 295 -15.54 -50.18 1.97
CA LYS B 295 -14.98 -51.51 2.15
C LYS B 295 -13.61 -51.61 1.47
N ASP B 296 -13.43 -50.90 0.34
CA ASP B 296 -12.20 -50.92 -0.45
C ASP B 296 -11.16 -50.05 0.23
N LYS B 297 -11.44 -48.73 0.36
CA LYS B 297 -10.59 -47.72 0.99
C LYS B 297 -11.45 -46.79 1.86
N PRO B 298 -11.07 -46.45 3.12
CA PRO B 298 -11.94 -45.61 3.95
C PRO B 298 -12.04 -44.16 3.45
N LEU B 299 -13.27 -43.66 3.35
CA LEU B 299 -13.57 -42.31 2.86
C LEU B 299 -13.41 -41.25 3.94
N GLY B 300 -13.45 -41.69 5.19
CA GLY B 300 -13.46 -40.84 6.38
C GLY B 300 -14.90 -40.78 6.83
N ALA B 301 -15.42 -39.57 7.07
CA ALA B 301 -16.83 -39.37 7.39
C ALA B 301 -17.55 -39.23 6.05
N VAL B 302 -18.86 -39.38 6.00
CA VAL B 302 -19.59 -39.32 4.73
C VAL B 302 -20.64 -38.24 4.79
N ALA B 303 -21.05 -37.68 3.63
CA ALA B 303 -22.07 -36.62 3.62
C ALA B 303 -23.46 -37.19 3.95
N LEU B 304 -23.67 -38.47 3.68
CA LEU B 304 -24.93 -39.18 3.90
C LEU B 304 -25.15 -39.43 5.39
N LYS B 305 -26.13 -38.73 5.95
CA LYS B 305 -26.53 -38.78 7.36
C LYS B 305 -26.75 -40.21 7.89
N SER B 306 -27.51 -41.03 7.13
CA SER B 306 -27.87 -42.40 7.51
C SER B 306 -26.67 -43.31 7.74
N TYR B 307 -25.71 -43.34 6.78
CA TYR B 307 -24.50 -44.15 6.82
C TYR B 307 -23.41 -43.57 7.71
N GLU B 308 -23.51 -42.27 8.00
CA GLU B 308 -22.53 -41.59 8.86
C GLU B 308 -22.68 -42.02 10.32
N GLU B 309 -23.88 -42.40 10.78
CA GLU B 309 -24.04 -42.87 12.16
C GLU B 309 -23.33 -44.24 12.42
N GLU B 310 -23.41 -45.17 11.43
CA GLU B 310 -22.79 -46.50 11.44
C GLU B 310 -21.26 -46.39 11.38
N LEU B 311 -20.74 -45.46 10.55
CA LEU B 311 -19.31 -45.21 10.43
C LEU B 311 -18.78 -44.52 11.68
N ALA B 312 -19.64 -43.74 12.37
CA ALA B 312 -19.22 -43.03 13.57
C ALA B 312 -18.79 -43.96 14.72
N LYS B 313 -19.16 -45.25 14.64
CA LYS B 313 -18.80 -46.31 15.60
C LYS B 313 -17.29 -46.60 15.60
N ASP B 314 -16.58 -46.16 14.54
CA ASP B 314 -15.13 -46.27 14.36
C ASP B 314 -14.52 -45.03 15.01
N PRO B 315 -13.67 -45.19 16.04
CA PRO B 315 -13.07 -44.00 16.70
C PRO B 315 -12.23 -43.08 15.81
N ARG B 316 -11.71 -43.60 14.69
CA ARG B 316 -10.92 -42.84 13.70
C ARG B 316 -11.82 -41.90 12.94
N ILE B 317 -13.06 -42.34 12.66
CA ILE B 317 -14.08 -41.53 11.98
C ILE B 317 -14.67 -40.50 12.94
N ALA B 318 -14.77 -40.84 14.22
CA ALA B 318 -15.25 -39.91 15.25
C ALA B 318 -14.24 -38.77 15.41
N ALA B 319 -12.92 -39.10 15.37
CA ALA B 319 -11.83 -38.12 15.43
C ALA B 319 -11.86 -37.23 14.18
N THR B 320 -12.14 -37.82 12.99
CA THR B 320 -12.24 -37.10 11.70
C THR B 320 -13.31 -36.01 11.83
N MET B 321 -14.49 -36.39 12.35
CA MET B 321 -15.63 -35.52 12.55
C MET B 321 -15.41 -34.48 13.62
N GLU B 322 -14.81 -34.85 14.77
CA GLU B 322 -14.51 -33.88 15.83
C GLU B 322 -13.58 -32.77 15.29
N ASN B 323 -12.52 -33.17 14.54
CA ASN B 323 -11.58 -32.24 13.92
C ASN B 323 -12.25 -31.39 12.84
N ALA B 324 -13.12 -32.00 11.99
CA ALA B 324 -13.85 -31.25 10.97
C ALA B 324 -14.81 -30.20 11.60
N GLN B 325 -15.48 -30.57 12.71
CA GLN B 325 -16.39 -29.65 13.41
C GLN B 325 -15.63 -28.45 13.99
N LYS B 326 -14.37 -28.66 14.37
CA LYS B 326 -13.51 -27.63 14.95
C LYS B 326 -12.73 -26.89 13.87
N GLY B 327 -12.91 -27.31 12.62
CA GLY B 327 -12.20 -26.79 11.47
C GLY B 327 -12.85 -25.67 10.67
N GLU B 328 -12.30 -25.43 9.48
CA GLU B 328 -12.72 -24.38 8.55
C GLU B 328 -12.94 -25.01 7.18
N ILE B 329 -14.19 -24.94 6.67
CA ILE B 329 -14.49 -25.49 5.34
C ILE B 329 -13.61 -24.75 4.36
N MET B 330 -12.95 -25.47 3.46
CA MET B 330 -12.15 -24.79 2.47
C MET B 330 -13.06 -23.96 1.58
N PRO B 331 -12.73 -22.68 1.29
CA PRO B 331 -13.53 -21.93 0.30
C PRO B 331 -13.41 -22.58 -1.09
N ASN B 332 -14.49 -22.63 -1.87
CA ASN B 332 -14.45 -23.27 -3.20
C ASN B 332 -14.10 -22.31 -4.33
N ILE B 333 -14.04 -21.01 -4.01
CA ILE B 333 -13.79 -19.93 -4.94
C ILE B 333 -12.49 -20.06 -5.74
N PRO B 334 -12.46 -19.59 -7.01
CA PRO B 334 -11.21 -19.68 -7.80
C PRO B 334 -10.01 -18.92 -7.22
N GLN B 335 -10.26 -17.87 -6.41
CA GLN B 335 -9.27 -17.01 -5.74
C GLN B 335 -8.44 -17.78 -4.71
N MET B 336 -8.86 -19.01 -4.37
CA MET B 336 -8.15 -19.84 -3.43
C MET B 336 -6.75 -20.18 -3.91
N SER B 337 -6.54 -20.38 -5.23
CA SER B 337 -5.20 -20.71 -5.79
C SER B 337 -4.17 -19.63 -5.44
N ALA B 338 -4.59 -18.35 -5.40
CA ALA B 338 -3.73 -17.23 -4.98
C ALA B 338 -3.30 -17.46 -3.52
N PHE B 339 -4.27 -17.82 -2.63
CA PHE B 339 -4.06 -18.12 -1.20
C PHE B 339 -3.06 -19.26 -1.00
N TRP B 340 -3.31 -20.44 -1.62
CA TRP B 340 -2.46 -21.62 -1.49
C TRP B 340 -0.99 -21.39 -1.74
N TYR B 341 -0.63 -20.78 -2.88
CA TYR B 341 0.77 -20.53 -3.24
C TYR B 341 1.45 -19.47 -2.35
N ALA B 342 0.71 -18.43 -1.97
CA ALA B 342 1.21 -17.37 -1.09
C ALA B 342 1.57 -17.95 0.30
N VAL B 343 0.65 -18.77 0.88
CA VAL B 343 0.86 -19.40 2.19
C VAL B 343 1.99 -20.44 2.12
N ARG B 344 2.05 -21.24 1.05
CA ARG B 344 3.08 -22.23 0.83
C ARG B 344 4.47 -21.57 0.88
N THR B 345 4.65 -20.43 0.19
CA THR B 345 5.89 -19.67 0.14
C THR B 345 6.25 -19.06 1.52
N ALA B 346 5.23 -18.53 2.24
CA ALA B 346 5.39 -17.92 3.56
C ALA B 346 5.97 -18.91 4.55
N VAL B 347 5.40 -20.13 4.61
CA VAL B 347 5.86 -21.19 5.50
C VAL B 347 7.30 -21.60 5.19
N ILE B 348 7.65 -21.79 3.89
CA ILE B 348 9.00 -22.12 3.45
C ILE B 348 10.01 -21.03 3.85
N ASN B 349 9.67 -19.76 3.59
CA ASN B 349 10.50 -18.59 3.87
C ASN B 349 10.75 -18.37 5.34
N ALA B 350 9.68 -18.46 6.16
CA ALA B 350 9.76 -18.30 7.61
C ALA B 350 10.54 -19.47 8.24
N ALA B 351 10.23 -20.75 7.86
CA ALA B 351 10.89 -21.98 8.35
C ALA B 351 12.39 -22.02 8.06
N SER B 352 12.80 -21.38 6.95
CA SER B 352 14.22 -21.31 6.55
C SER B 352 15.01 -20.35 7.47
N GLY B 353 14.30 -19.47 8.18
CA GLY B 353 14.86 -18.45 9.07
C GLY B 353 15.44 -17.26 8.33
N ARG B 354 15.23 -17.19 7.00
CA ARG B 354 15.75 -16.12 6.12
C ARG B 354 14.89 -14.85 6.16
N GLN B 355 13.75 -14.95 6.81
CA GLN B 355 12.77 -13.88 6.97
C GLN B 355 12.06 -14.15 8.30
N THR B 356 11.58 -13.08 8.97
CA THR B 356 10.79 -13.25 10.19
C THR B 356 9.43 -13.79 9.76
N VAL B 357 8.74 -14.44 10.70
CA VAL B 357 7.40 -14.98 10.53
C VAL B 357 6.43 -13.87 10.10
N ASP B 358 6.44 -12.74 10.82
CA ASP B 358 5.53 -11.62 10.56
C ASP B 358 5.72 -11.05 9.16
N ALA B 359 6.99 -10.88 8.73
CA ALA B 359 7.29 -10.35 7.40
C ALA B 359 6.84 -11.33 6.34
N ALA B 360 7.01 -12.65 6.59
CA ALA B 360 6.60 -13.70 5.65
C ALA B 360 5.08 -13.66 5.42
N LEU B 361 4.30 -13.55 6.50
CA LEU B 361 2.85 -13.47 6.45
C LEU B 361 2.32 -12.19 5.83
N ALA B 362 3.02 -11.06 6.04
CA ALA B 362 2.68 -9.77 5.46
C ALA B 362 2.89 -9.88 3.94
N ALA B 363 4.01 -10.50 3.50
CA ALA B 363 4.31 -10.74 2.09
C ALA B 363 3.26 -11.69 1.48
N ALA B 364 2.78 -12.69 2.23
CA ALA B 364 1.75 -13.62 1.73
C ALA B 364 0.42 -12.90 1.43
N GLN B 365 -0.03 -12.00 2.31
CA GLN B 365 -1.25 -11.22 2.12
C GLN B 365 -1.10 -10.31 0.87
N THR B 366 0.06 -9.64 0.74
CA THR B 366 0.39 -8.75 -0.38
C THR B 366 0.40 -9.51 -1.70
N ASN B 367 1.06 -10.69 -1.71
CA ASN B 367 1.23 -11.54 -2.89
C ASN B 367 -0.05 -12.18 -3.39
N ALA B 368 -0.88 -12.68 -2.48
CA ALA B 368 -2.20 -13.24 -2.83
C ALA B 368 -3.05 -12.14 -3.47
N ALA B 369 -3.10 -10.96 -2.85
CA ALA B 369 -3.86 -9.82 -3.35
C ALA B 369 -3.35 -9.34 -4.71
N ALA B 370 -2.02 -9.42 -4.93
CA ALA B 370 -1.36 -9.02 -6.17
C ALA B 370 -1.73 -9.94 -7.35
N GLU B 371 -1.84 -11.27 -7.10
CA GLU B 371 -2.26 -12.23 -8.12
C GLU B 371 -3.69 -11.91 -8.58
N LEU B 372 -4.58 -11.63 -7.59
CA LEU B 372 -5.98 -11.30 -7.85
C LEU B 372 -6.11 -10.00 -8.61
N THR B 373 -5.23 -9.02 -8.33
CA THR B 373 -5.23 -7.72 -9.01
C THR B 373 -4.84 -7.94 -10.47
N LEU B 374 -3.86 -8.83 -10.72
CA LEU B 374 -3.43 -9.14 -12.09
C LEU B 374 -4.60 -9.70 -12.92
N GLN B 375 -5.36 -10.63 -12.35
CA GLN B 375 -6.54 -11.23 -12.97
C GLN B 375 -7.59 -10.19 -13.29
N GLU B 376 -7.71 -9.19 -12.43
CA GLU B 376 -8.65 -8.06 -12.58
C GLU B 376 -8.17 -7.13 -13.69
N LEU B 377 -6.84 -6.92 -13.82
CA LEU B 377 -6.23 -6.10 -14.89
C LEU B 377 -6.46 -6.74 -16.27
N LEU B 378 -6.39 -8.06 -16.33
CA LEU B 378 -6.56 -8.80 -17.58
C LEU B 378 -8.02 -8.91 -18.01
N GLY B 379 -8.92 -9.01 -17.04
CA GLY B 379 -10.34 -9.15 -17.32
C GLY B 379 -10.72 -10.61 -17.42
N GLU B 380 -12.01 -10.91 -17.55
CA GLU B 380 -12.48 -12.30 -17.62
C GLU B 380 -12.30 -12.98 -18.99
N GLU B 381 -12.20 -12.18 -20.07
CA GLU B 381 -12.04 -12.65 -21.46
C GLU B 381 -10.89 -13.65 -21.66
N ARG B 382 -11.20 -14.75 -22.35
CA ARG B 382 -10.27 -15.84 -22.67
C ARG B 382 -10.36 -16.30 -24.14
N PHE C 1 9.53 -5.44 16.35
CA PHE C 1 10.44 -4.30 16.23
C PHE C 1 9.70 -3.00 16.59
N GLN C 2 9.38 -2.89 17.89
CA GLN C 2 8.61 -1.83 18.54
C GLN C 2 9.32 -0.48 18.68
N ASP C 3 10.48 -0.43 19.36
CA ASP C 3 11.19 0.83 19.54
C ASP C 3 12.44 1.02 18.66
N PRO C 4 12.62 2.22 18.04
CA PRO C 4 13.80 2.44 17.17
C PRO C 4 15.17 2.46 17.86
N GLN C 5 15.17 2.55 19.22
CA GLN C 5 16.36 2.57 20.09
C GLN C 5 16.83 1.13 20.41
N GLU C 6 16.23 0.13 19.73
CA GLU C 6 16.52 -1.28 19.93
C GLU C 6 16.65 -2.01 18.60
N ARG C 7 15.61 -1.91 17.73
CA ARG C 7 15.55 -2.59 16.43
C ARG C 7 16.76 -2.29 15.51
N PRO C 8 17.26 -3.30 14.75
CA PRO C 8 18.42 -3.07 13.86
C PRO C 8 18.16 -1.99 12.82
N ARG C 9 19.11 -1.04 12.74
CA ARG C 9 19.06 0.13 11.88
C ARG C 9 19.53 -0.15 10.46
N LYS C 10 20.62 -0.90 10.31
CA LYS C 10 21.17 -1.19 8.98
C LYS C 10 21.15 -2.67 8.72
N LEU C 11 21.25 -3.04 7.42
CA LEU C 11 21.21 -4.42 6.96
C LEU C 11 22.18 -5.38 7.68
N PRO C 12 23.48 -5.06 7.88
CA PRO C 12 24.36 -6.01 8.59
C PRO C 12 23.89 -6.39 9.99
N GLN C 13 23.35 -5.43 10.78
CA GLN C 13 22.82 -5.74 12.14
C GLN C 13 21.53 -6.58 12.05
N LEU C 14 20.71 -6.35 11.00
CA LEU C 14 19.48 -7.10 10.76
C LEU C 14 19.78 -8.57 10.50
N CYS C 15 20.80 -8.87 9.66
CA CYS C 15 21.28 -10.24 9.35
C CYS C 15 21.72 -10.95 10.62
N THR C 16 22.49 -10.25 11.46
CA THR C 16 22.98 -10.73 12.76
C THR C 16 21.81 -11.11 13.67
N GLU C 17 20.78 -10.24 13.77
CA GLU C 17 19.58 -10.44 14.58
C GLU C 17 18.75 -11.64 14.12
N LEU C 18 18.56 -11.80 12.80
CA LEU C 18 17.78 -12.93 12.25
C LEU C 18 18.61 -14.21 12.16
N GLN C 19 19.93 -14.11 12.43
CA GLN C 19 20.88 -15.21 12.39
C GLN C 19 21.00 -15.77 10.98
N THR C 20 21.00 -14.86 9.99
CA THR C 20 21.11 -15.17 8.56
C THR C 20 22.30 -14.36 7.96
N THR C 21 22.55 -14.51 6.66
CA THR C 21 23.61 -13.78 5.98
C THR C 21 22.96 -12.93 4.91
N ILE C 22 23.71 -11.94 4.42
CA ILE C 22 23.28 -11.05 3.35
C ILE C 22 23.00 -11.85 2.03
N HIS C 23 23.60 -13.03 1.92
CA HIS C 23 23.45 -13.93 0.77
C HIS C 23 22.11 -14.67 0.79
N ASP C 24 21.45 -14.74 1.98
CA ASP C 24 20.23 -15.48 2.20
C ASP C 24 19.01 -14.67 2.58
N ILE C 25 19.20 -13.51 3.26
CA ILE C 25 18.10 -12.67 3.75
C ILE C 25 17.01 -12.38 2.69
N ILE C 26 15.72 -12.49 3.10
CA ILE C 26 14.59 -12.20 2.23
C ILE C 26 14.06 -10.83 2.65
N LEU C 27 14.07 -9.86 1.72
CA LEU C 27 13.61 -8.50 1.98
C LEU C 27 12.69 -8.03 0.89
N GLU C 28 11.73 -7.17 1.23
CA GLU C 28 10.83 -6.56 0.25
C GLU C 28 11.04 -5.05 0.22
N CYS C 29 10.73 -4.45 -0.93
CA CYS C 29 10.82 -3.02 -1.14
C CYS C 29 9.70 -2.32 -0.36
N VAL C 30 10.04 -1.26 0.42
CA VAL C 30 9.07 -0.50 1.21
C VAL C 30 7.98 0.14 0.33
N TYR C 31 8.31 0.44 -0.92
CA TYR C 31 7.39 1.11 -1.83
C TYR C 31 6.51 0.17 -2.59
N CYS C 32 7.10 -0.70 -3.45
CA CYS C 32 6.37 -1.62 -4.32
C CYS C 32 6.06 -2.97 -3.67
N LYS C 33 6.72 -3.29 -2.54
CA LYS C 33 6.50 -4.54 -1.79
C LYS C 33 6.92 -5.79 -2.57
N GLN C 34 7.76 -5.61 -3.60
CA GLN C 34 8.26 -6.72 -4.38
C GLN C 34 9.53 -7.19 -3.72
N GLN C 35 9.77 -8.50 -3.75
CA GLN C 35 10.97 -9.07 -3.13
C GLN C 35 12.20 -8.57 -3.87
N LEU C 36 13.20 -8.09 -3.12
CA LEU C 36 14.46 -7.61 -3.68
C LEU C 36 15.22 -8.76 -4.30
N LEU C 37 15.86 -8.50 -5.45
CA LEU C 37 16.75 -9.48 -6.10
C LEU C 37 17.97 -9.60 -5.21
N ARG C 38 18.72 -10.72 -5.29
CA ARG C 38 19.95 -10.86 -4.50
C ARG C 38 20.90 -9.67 -4.72
N ARG C 39 21.07 -9.23 -5.98
CA ARG C 39 21.92 -8.07 -6.28
C ARG C 39 21.44 -6.77 -5.66
N GLU C 40 20.10 -6.64 -5.50
CA GLU C 40 19.51 -5.45 -4.88
C GLU C 40 19.76 -5.45 -3.36
N VAL C 41 19.79 -6.64 -2.74
CA VAL C 41 20.07 -6.77 -1.30
C VAL C 41 21.52 -6.24 -1.09
N TYR C 42 22.48 -6.69 -1.95
CA TYR C 42 23.87 -6.27 -1.88
C TYR C 42 24.00 -4.75 -2.09
N ASP C 43 23.26 -4.18 -3.05
CA ASP C 43 23.25 -2.73 -3.31
C ASP C 43 22.69 -1.93 -2.17
N PHE C 44 21.65 -2.42 -1.51
CA PHE C 44 21.10 -1.75 -0.33
C PHE C 44 22.19 -1.61 0.76
N ALA C 45 22.98 -2.68 0.97
CA ALA C 45 24.05 -2.69 1.95
C ALA C 45 25.19 -1.77 1.54
N ARG C 46 25.51 -1.71 0.23
CA ARG C 46 26.61 -0.88 -0.30
C ARG C 46 26.25 0.59 -0.24
N ARG C 47 24.94 0.90 -0.35
CA ARG C 47 24.42 2.26 -0.33
C ARG C 47 24.30 2.83 1.08
N ASP C 48 24.61 2.00 2.10
CA ASP C 48 24.58 2.35 3.52
C ASP C 48 23.20 2.98 3.89
N LEU C 49 22.13 2.28 3.46
CA LEU C 49 20.77 2.73 3.70
C LEU C 49 20.25 2.12 5.01
N CYS C 50 19.21 2.72 5.59
CA CYS C 50 18.58 2.27 6.81
C CYS C 50 17.40 1.37 6.52
N ILE C 51 17.24 0.33 7.33
CA ILE C 51 16.05 -0.52 7.31
C ILE C 51 14.88 0.35 7.84
N VAL C 52 13.77 0.29 7.15
CA VAL C 52 12.57 1.05 7.42
C VAL C 52 11.49 0.05 7.93
N TYR C 53 10.90 0.34 9.08
CA TYR C 53 9.89 -0.54 9.71
C TYR C 53 8.50 -0.06 9.46
N ARG C 54 7.63 -0.96 8.98
CA ARG C 54 6.21 -0.66 8.74
C ARG C 54 5.42 -1.80 9.31
N ASP C 55 4.49 -1.47 10.23
CA ASP C 55 3.65 -2.45 10.93
C ASP C 55 4.48 -3.56 11.63
N GLY C 56 5.64 -3.15 12.16
CA GLY C 56 6.57 -4.00 12.88
C GLY C 56 7.43 -4.90 12.01
N ASN C 57 7.42 -4.67 10.69
CA ASN C 57 8.18 -5.47 9.74
C ASN C 57 9.30 -4.68 9.11
N PRO C 58 10.49 -5.30 8.90
CA PRO C 58 11.58 -4.58 8.21
C PRO C 58 11.37 -4.54 6.70
N TYR C 59 11.73 -3.42 6.06
CA TYR C 59 11.70 -3.25 4.61
C TYR C 59 12.94 -2.57 4.12
N ALA C 60 13.37 -2.94 2.92
CA ALA C 60 14.49 -2.34 2.24
C ALA C 60 13.89 -1.45 1.13
N VAL C 61 14.58 -1.32 0.00
CA VAL C 61 14.12 -0.58 -1.16
C VAL C 61 14.79 -1.20 -2.40
N CYS C 62 14.03 -1.38 -3.48
CA CYS C 62 14.56 -1.89 -4.73
C CYS C 62 15.23 -0.73 -5.47
N ASP C 63 16.03 -1.02 -6.47
CA ASP C 63 16.79 -0.05 -7.24
C ASP C 63 15.93 0.97 -7.99
N LYS C 64 14.83 0.49 -8.57
CA LYS C 64 13.97 1.33 -9.37
C LYS C 64 13.17 2.33 -8.58
N CYS C 65 12.64 1.88 -7.43
CA CYS C 65 11.88 2.74 -6.53
C CYS C 65 12.79 3.78 -5.87
N LEU C 66 13.97 3.38 -5.48
CA LEU C 66 14.92 4.33 -4.86
C LEU C 66 15.28 5.47 -5.82
N LYS C 67 15.58 5.13 -7.08
CA LYS C 67 15.93 6.10 -8.11
C LYS C 67 14.73 7.00 -8.42
N PHE C 68 13.52 6.43 -8.46
CA PHE C 68 12.33 7.21 -8.75
C PHE C 68 12.14 8.35 -7.73
N TYR C 69 12.19 8.01 -6.44
CA TYR C 69 11.99 8.96 -5.36
C TYR C 69 13.14 9.89 -5.14
N SER C 70 14.37 9.44 -5.42
CA SER C 70 15.57 10.26 -5.31
C SER C 70 15.48 11.41 -6.31
N LYS C 71 14.99 11.13 -7.55
CA LYS C 71 14.76 12.12 -8.61
C LYS C 71 13.72 13.17 -8.23
N ILE C 72 12.58 12.75 -7.62
CA ILE C 72 11.52 13.67 -7.17
C ILE C 72 12.02 14.57 -6.05
N SER C 73 12.87 14.03 -5.19
CA SER C 73 13.47 14.75 -4.07
C SER C 73 14.43 15.82 -4.55
N GLU C 74 15.32 15.49 -5.48
CA GLU C 74 16.28 16.44 -6.06
C GLU C 74 15.48 17.58 -6.75
N TYR C 75 14.48 17.24 -7.56
CA TYR C 75 13.65 18.17 -8.28
C TYR C 75 13.00 19.21 -7.36
N ARG C 76 12.41 18.75 -6.24
CA ARG C 76 11.73 19.60 -5.29
C ARG C 76 12.60 20.26 -4.23
N HIS C 77 13.59 19.53 -3.71
CA HIS C 77 14.40 19.97 -2.58
C HIS C 77 15.83 20.44 -2.87
N TYR C 78 16.17 20.59 -4.15
CA TYR C 78 17.48 21.14 -4.53
C TYR C 78 17.63 22.55 -3.90
N SER C 79 18.78 22.79 -3.27
CA SER C 79 19.04 24.07 -2.62
C SER C 79 20.03 24.87 -3.45
N TYR C 80 21.27 24.34 -3.57
CA TYR C 80 22.36 25.01 -4.31
C TYR C 80 23.50 24.05 -4.61
N SER C 81 24.47 24.51 -5.43
CA SER C 81 25.64 23.75 -5.87
C SER C 81 26.93 24.48 -5.61
N LEU C 82 28.01 23.69 -5.42
CA LEU C 82 29.38 24.18 -5.25
C LEU C 82 30.35 23.29 -6.01
N TYR C 83 31.50 23.85 -6.44
CA TYR C 83 32.60 23.08 -7.01
C TYR C 83 33.30 22.46 -5.81
N GLY C 84 33.91 21.30 -6.00
CA GLY C 84 34.61 20.56 -4.97
C GLY C 84 35.55 21.34 -4.08
N THR C 85 36.36 22.22 -4.68
CA THR C 85 37.33 23.07 -3.97
C THR C 85 36.64 24.01 -2.97
N THR C 86 35.54 24.67 -3.39
CA THR C 86 34.76 25.58 -2.57
C THR C 86 34.11 24.81 -1.40
N LEU C 87 33.65 23.58 -1.67
CA LEU C 87 33.04 22.70 -0.65
C LEU C 87 34.09 22.32 0.43
N GLU C 88 35.32 21.96 0.00
CA GLU C 88 36.47 21.64 0.85
C GLU C 88 36.82 22.84 1.74
N GLN C 89 36.80 24.07 1.17
CA GLN C 89 37.09 25.33 1.87
C GLN C 89 36.02 25.67 2.90
N GLN C 90 34.75 25.37 2.59
CA GLN C 90 33.60 25.60 3.47
C GLN C 90 33.67 24.81 4.77
N TYR C 91 33.97 23.52 4.69
CA TYR C 91 34.03 22.63 5.85
C TYR C 91 35.46 22.34 6.38
N ASN C 92 36.50 22.89 5.69
CA ASN C 92 37.93 22.74 6.02
C ASN C 92 38.36 21.27 6.20
N LYS C 93 37.85 20.40 5.31
CA LYS C 93 38.11 18.96 5.28
C LYS C 93 38.28 18.53 3.82
N PRO C 94 39.11 17.50 3.51
CA PRO C 94 39.15 17.00 2.13
C PRO C 94 37.80 16.34 1.82
N LEU C 95 37.44 16.20 0.53
CA LEU C 95 36.18 15.61 0.11
C LEU C 95 35.98 14.20 0.69
N SER C 96 37.09 13.46 0.85
CA SER C 96 37.12 12.10 1.40
C SER C 96 36.58 12.01 2.82
N ASP C 97 36.60 13.12 3.57
CA ASP C 97 36.11 13.22 4.95
C ASP C 97 34.66 13.69 5.05
N LEU C 98 34.01 13.98 3.91
CA LEU C 98 32.61 14.43 3.87
C LEU C 98 31.71 13.32 3.36
N LEU C 99 30.46 13.26 3.86
CA LEU C 99 29.48 12.30 3.36
C LEU C 99 28.79 12.90 2.13
N ILE C 100 29.14 12.41 0.95
CA ILE C 100 28.56 12.82 -0.32
C ILE C 100 27.94 11.57 -0.93
N ARG C 101 26.61 11.57 -1.07
CA ARG C 101 25.88 10.44 -1.64
C ARG C 101 25.61 10.71 -3.11
N CYS C 102 25.39 9.67 -3.90
CA CYS C 102 25.03 9.84 -5.29
C CYS C 102 23.60 10.36 -5.34
N ILE C 103 23.38 11.42 -6.13
CA ILE C 103 22.07 12.06 -6.28
C ILE C 103 20.97 11.13 -6.81
N ASN C 104 21.35 10.08 -7.57
CA ASN C 104 20.46 9.12 -8.21
C ASN C 104 20.23 7.85 -7.40
N CYS C 105 21.30 7.15 -7.01
CA CYS C 105 21.22 5.86 -6.29
C CYS C 105 21.53 5.92 -4.81
N GLN C 106 21.98 7.08 -4.29
CA GLN C 106 22.28 7.28 -2.87
C GLN C 106 23.56 6.64 -2.37
N LYS C 107 24.30 5.94 -3.23
CA LYS C 107 25.54 5.33 -2.78
C LYS C 107 26.54 6.39 -2.28
N PRO C 108 27.11 6.28 -1.03
CA PRO C 108 28.16 7.23 -0.63
C PRO C 108 29.32 7.13 -1.63
N LEU C 109 29.67 8.27 -2.24
CA LEU C 109 30.72 8.39 -3.25
C LEU C 109 32.07 7.93 -2.74
N SER C 110 32.85 7.25 -3.59
CA SER C 110 34.19 6.78 -3.26
C SER C 110 35.18 7.93 -3.42
N PRO C 111 36.42 7.84 -2.88
CA PRO C 111 37.40 8.94 -3.11
C PRO C 111 37.68 9.21 -4.59
N GLU C 112 37.60 8.16 -5.43
CA GLU C 112 37.83 8.21 -6.88
C GLU C 112 36.71 8.98 -7.60
N GLU C 113 35.45 8.74 -7.15
CA GLU C 113 34.24 9.41 -7.66
C GLU C 113 34.26 10.89 -7.30
N LYS C 114 34.71 11.22 -6.07
CA LYS C 114 34.83 12.60 -5.62
C LYS C 114 35.89 13.33 -6.44
N GLN C 115 37.00 12.63 -6.78
CA GLN C 115 38.12 13.14 -7.58
C GLN C 115 37.71 13.38 -9.04
N ARG C 116 36.85 12.51 -9.59
CA ARG C 116 36.32 12.67 -10.95
C ARG C 116 35.59 14.02 -11.04
N HIS C 117 34.79 14.37 -10.01
CA HIS C 117 34.08 15.66 -9.92
C HIS C 117 35.07 16.83 -10.02
N LEU C 118 36.20 16.76 -9.28
CA LEU C 118 37.21 17.81 -9.27
C LEU C 118 37.85 17.96 -10.65
N ASP C 119 38.27 16.81 -11.24
CA ASP C 119 38.92 16.73 -12.56
C ASP C 119 37.99 17.17 -13.68
N LYS C 120 36.75 16.65 -13.71
CA LYS C 120 35.75 16.97 -14.72
C LYS C 120 35.06 18.32 -14.50
N LYS C 121 35.42 19.03 -13.41
CA LYS C 121 34.86 20.32 -12.98
C LYS C 121 33.33 20.24 -12.80
N GLN C 122 32.87 19.13 -12.20
CA GLN C 122 31.46 18.81 -11.91
C GLN C 122 31.14 19.25 -10.47
N ARG C 123 30.07 20.01 -10.32
CA ARG C 123 29.64 20.53 -9.04
C ARG C 123 28.96 19.48 -8.18
N PHE C 124 28.93 19.73 -6.86
CA PHE C 124 28.19 18.88 -5.92
C PHE C 124 26.94 19.66 -5.60
N HIS C 125 25.84 18.97 -5.35
CA HIS C 125 24.55 19.62 -5.07
C HIS C 125 24.06 19.41 -3.69
N ASN C 126 23.57 20.49 -3.11
CA ASN C 126 22.97 20.48 -1.80
C ASN C 126 21.46 20.27 -1.96
N ILE C 127 20.93 19.16 -1.42
CA ILE C 127 19.49 18.82 -1.42
C ILE C 127 18.98 18.95 0.01
N ARG C 128 18.59 20.19 0.39
CA ARG C 128 18.09 20.52 1.74
C ARG C 128 19.04 20.03 2.85
N GLY C 129 20.32 20.46 2.80
CA GLY C 129 21.34 20.07 3.79
C GLY C 129 22.18 18.83 3.49
N ARG C 130 21.78 18.02 2.48
CA ARG C 130 22.52 16.80 2.10
C ARG C 130 23.41 17.09 0.89
N TRP C 131 24.70 16.74 0.97
CA TRP C 131 25.59 16.95 -0.17
C TRP C 131 25.57 15.72 -1.03
N THR C 132 25.40 15.94 -2.34
CA THR C 132 25.29 14.89 -3.34
C THR C 132 26.19 15.15 -4.53
N GLY C 133 26.53 14.06 -5.23
CA GLY C 133 27.33 14.04 -6.46
C GLY C 133 26.77 12.96 -7.36
N ARG C 134 27.61 12.31 -8.13
CA ARG C 134 27.18 11.21 -9.00
C ARG C 134 28.24 10.12 -9.04
N CYS C 135 27.85 8.86 -8.76
CA CYS C 135 28.77 7.71 -8.78
C CYS C 135 29.12 7.34 -10.22
N MET C 136 30.12 6.45 -10.40
N MET C 136 30.12 6.45 -10.40
CA MET C 136 30.58 6.01 -11.72
CA MET C 136 30.61 5.96 -11.70
C MET C 136 29.45 5.36 -12.52
C MET C 136 29.48 5.33 -12.51
N SER C 137 28.69 4.46 -11.87
CA SER C 137 27.58 3.77 -12.50
C SER C 137 26.44 4.72 -12.97
N CYS C 138 26.11 5.74 -12.18
CA CYS C 138 25.07 6.69 -12.56
C CYS C 138 25.57 7.75 -13.53
N SER C 139 26.91 7.93 -13.64
CA SER C 139 27.54 8.85 -14.59
C SER C 139 27.44 8.28 -16.01
N ARG C 140 27.28 6.93 -16.11
CA ARG C 140 27.10 6.15 -17.34
C ARG C 140 25.64 6.24 -17.77
N SER C 141 24.73 5.77 -16.89
CA SER C 141 23.27 5.76 -17.09
C SER C 141 22.57 5.81 -15.74
N SER C 142 21.66 6.80 -15.56
CA SER C 142 20.88 6.96 -14.34
C SER C 142 19.63 6.00 -14.25
N PHE D 1 -16.89 5.85 -7.99
CA PHE D 1 -16.94 4.65 -8.82
C PHE D 1 -17.29 3.43 -7.94
N GLN D 2 -18.56 3.43 -7.48
CA GLN D 2 -19.18 2.47 -6.57
C GLN D 2 -19.48 1.07 -7.15
N ASP D 3 -20.28 1.00 -8.23
CA ASP D 3 -20.63 -0.29 -8.82
C ASP D 3 -19.92 -0.61 -10.14
N PRO D 4 -19.40 -1.87 -10.30
CA PRO D 4 -18.69 -2.23 -11.55
C PRO D 4 -19.55 -2.30 -12.83
N GLN D 5 -20.90 -2.30 -12.67
CA GLN D 5 -21.90 -2.33 -13.75
C GLN D 5 -22.20 -0.90 -14.28
N GLU D 6 -21.38 0.09 -13.85
CA GLU D 6 -21.51 1.50 -14.20
C GLU D 6 -20.14 2.08 -14.56
N ARG D 7 -19.14 1.95 -13.63
CA ARG D 7 -17.80 2.52 -13.75
C ARG D 7 -17.02 2.12 -15.01
N PRO D 8 -16.31 3.07 -15.67
CA PRO D 8 -15.55 2.70 -16.89
C PRO D 8 -14.55 1.56 -16.66
N ARG D 9 -14.65 0.54 -17.50
CA ARG D 9 -13.86 -0.67 -17.42
C ARG D 9 -12.50 -0.54 -18.13
N LYS D 10 -12.46 0.13 -19.29
CA LYS D 10 -11.23 0.33 -20.08
C LYS D 10 -10.81 1.79 -20.09
N LEU D 11 -9.53 2.04 -20.38
CA LEU D 11 -8.95 3.38 -20.47
C LEU D 11 -9.70 4.35 -21.44
N PRO D 12 -10.05 3.98 -22.69
CA PRO D 12 -10.80 4.92 -23.56
C PRO D 12 -12.11 5.44 -22.96
N GLN D 13 -12.90 4.56 -22.30
N GLN D 13 -12.91 4.59 -22.30
CA GLN D 13 -14.16 4.91 -21.60
CA GLN D 13 -14.17 5.00 -21.67
C GLN D 13 -13.86 5.90 -20.47
C GLN D 13 -13.90 5.87 -20.42
N LEU D 14 -12.77 5.64 -19.71
CA LEU D 14 -12.36 6.45 -18.56
C LEU D 14 -12.03 7.89 -18.97
N CYS D 15 -11.28 8.06 -20.09
CA CYS D 15 -10.95 9.37 -20.67
C CYS D 15 -12.20 10.15 -21.03
N THR D 16 -13.17 9.47 -21.67
CA THR D 16 -14.48 10.02 -22.06
C THR D 16 -15.24 10.53 -20.82
N GLU D 17 -15.28 9.72 -19.74
CA GLU D 17 -15.94 10.04 -18.47
C GLU D 17 -15.31 11.26 -17.77
N LEU D 18 -13.96 11.33 -17.73
CA LEU D 18 -13.26 12.45 -17.09
C LEU D 18 -13.18 13.67 -17.99
N GLN D 19 -13.59 13.52 -19.27
CA GLN D 19 -13.59 14.57 -20.28
C GLN D 19 -12.15 15.03 -20.58
N THR D 20 -11.24 14.04 -20.65
CA THR D 20 -9.82 14.23 -20.93
C THR D 20 -9.42 13.31 -22.11
N THR D 21 -8.14 13.34 -22.52
CA THR D 21 -7.66 12.47 -23.60
C THR D 21 -6.60 11.58 -23.03
N ILE D 22 -6.28 10.50 -23.73
CA ILE D 22 -5.22 9.55 -23.39
C ILE D 22 -3.84 10.26 -23.34
N HIS D 23 -3.71 11.38 -24.04
CA HIS D 23 -2.49 12.18 -24.09
C HIS D 23 -2.28 13.00 -22.82
N ASP D 24 -3.35 13.22 -22.05
CA ASP D 24 -3.36 14.06 -20.85
C ASP D 24 -3.65 13.37 -19.54
N ILE D 25 -4.46 12.29 -19.57
CA ILE D 25 -4.86 11.57 -18.34
C ILE D 25 -3.68 11.26 -17.38
N ILE D 26 -3.91 11.48 -16.07
CA ILE D 26 -2.93 11.19 -15.02
C ILE D 26 -3.39 9.91 -14.34
N LEU D 27 -2.55 8.87 -14.38
CA LEU D 27 -2.85 7.56 -13.81
C LEU D 27 -1.70 7.07 -13.02
N GLU D 28 -1.99 6.28 -11.96
CA GLU D 28 -0.96 5.67 -11.14
C GLU D 28 -1.08 4.15 -11.22
N CYS D 29 0.05 3.48 -10.96
CA CYS D 29 0.12 2.04 -10.93
C CYS D 29 -0.60 1.53 -9.69
N VAL D 30 -1.40 0.48 -9.85
CA VAL D 30 -2.15 -0.13 -8.74
C VAL D 30 -1.24 -0.75 -7.68
N TYR D 31 -0.04 -1.19 -8.08
CA TYR D 31 0.88 -1.85 -7.17
C TYR D 31 1.80 -0.89 -6.43
N CYS D 32 2.66 -0.15 -7.15
CA CYS D 32 3.65 0.77 -6.61
C CYS D 32 3.14 2.20 -6.39
N LYS D 33 1.97 2.54 -6.96
CA LYS D 33 1.37 3.88 -6.83
C LYS D 33 2.19 5.00 -7.47
N GLN D 34 3.09 4.65 -8.39
CA GLN D 34 3.89 5.62 -9.10
C GLN D 34 3.15 6.04 -10.33
N GLN D 35 3.26 7.34 -10.68
CA GLN D 35 2.56 7.86 -11.83
C GLN D 35 3.11 7.24 -13.10
N LEU D 36 2.21 6.78 -13.97
CA LEU D 36 2.58 6.16 -15.24
C LEU D 36 3.20 7.21 -16.16
N LEU D 37 4.23 6.79 -16.91
CA LEU D 37 4.82 7.63 -17.95
C LEU D 37 3.82 7.72 -19.08
N ARG D 38 3.89 8.77 -19.93
CA ARG D 38 2.97 8.87 -21.07
C ARG D 38 2.99 7.61 -21.95
N ARG D 39 4.19 7.04 -22.21
CA ARG D 39 4.29 5.82 -23.00
C ARG D 39 3.59 4.63 -22.34
N GLU D 40 3.59 4.57 -20.98
CA GLU D 40 2.93 3.51 -20.20
C GLU D 40 1.42 3.61 -20.27
N VAL D 41 0.89 4.83 -20.35
CA VAL D 41 -0.55 5.12 -20.51
C VAL D 41 -0.98 4.55 -21.88
N TYR D 42 -0.19 4.83 -22.96
CA TYR D 42 -0.47 4.32 -24.32
C TYR D 42 -0.39 2.81 -24.37
N ASP D 43 0.61 2.21 -23.70
CA ASP D 43 0.78 0.77 -23.61
C ASP D 43 -0.33 0.10 -22.83
N PHE D 44 -0.89 0.74 -21.79
CA PHE D 44 -2.01 0.19 -21.01
C PHE D 44 -3.21 0.03 -21.93
N ALA D 45 -3.44 1.03 -22.79
CA ALA D 45 -4.53 1.04 -23.76
C ALA D 45 -4.30 0.01 -24.87
N ARG D 46 -3.05 -0.13 -25.37
CA ARG D 46 -2.69 -1.11 -26.42
C ARG D 46 -2.77 -2.53 -25.92
N ARG D 47 -2.49 -2.74 -24.63
CA ARG D 47 -2.54 -4.04 -23.98
C ARG D 47 -3.96 -4.50 -23.64
N ASP D 48 -4.96 -3.63 -23.89
CA ASP D 48 -6.38 -3.87 -23.64
C ASP D 48 -6.59 -4.36 -22.19
N LEU D 49 -5.99 -3.63 -21.24
CA LEU D 49 -6.08 -3.95 -19.82
C LEU D 49 -7.26 -3.20 -19.20
N CYS D 50 -7.78 -3.71 -18.08
CA CYS D 50 -8.91 -3.13 -17.38
C CYS D 50 -8.44 -2.19 -16.29
N ILE D 51 -9.16 -1.08 -16.13
CA ILE D 51 -8.96 -0.15 -15.03
C ILE D 51 -9.42 -0.90 -13.75
N VAL D 52 -8.58 -0.83 -12.72
CA VAL D 52 -8.79 -1.47 -11.44
C VAL D 52 -9.10 -0.35 -10.41
N TYR D 53 -10.20 -0.50 -9.67
CA TYR D 53 -10.64 0.49 -8.69
C TYR D 53 -10.27 0.10 -7.28
N ARG D 54 -9.63 1.02 -6.56
CA ARG D 54 -9.23 0.82 -5.15
C ARG D 54 -9.63 2.07 -4.40
N ASP D 55 -10.44 1.89 -3.35
CA ASP D 55 -10.97 2.98 -2.52
C ASP D 55 -11.71 4.05 -3.36
N GLY D 56 -12.39 3.60 -4.42
CA GLY D 56 -13.17 4.42 -5.33
C GLY D 56 -12.34 5.19 -6.35
N ASN D 57 -11.06 4.86 -6.47
CA ASN D 57 -10.15 5.52 -7.40
C ASN D 57 -9.71 4.60 -8.51
N PRO D 58 -9.61 5.13 -9.76
CA PRO D 58 -9.08 4.28 -10.85
C PRO D 58 -7.56 4.14 -10.81
N TYR D 59 -7.04 2.95 -11.15
CA TYR D 59 -5.61 2.66 -11.24
C TYR D 59 -5.31 1.85 -12.48
N ALA D 60 -4.15 2.10 -13.06
CA ALA D 60 -3.64 1.36 -14.19
C ALA D 60 -2.51 0.47 -13.64
N VAL D 61 -1.45 0.25 -14.42
CA VAL D 61 -0.28 -0.54 -14.02
C VAL D 61 0.92 -0.04 -14.84
N CYS D 62 2.11 0.01 -14.23
CA CYS D 62 3.34 0.38 -14.95
C CYS D 62 3.95 -0.93 -15.49
N ASP D 63 4.89 -0.81 -16.43
CA ASP D 63 5.59 -1.92 -17.07
C ASP D 63 6.29 -2.87 -16.09
N LYS D 64 7.07 -2.32 -15.15
CA LYS D 64 7.83 -3.07 -14.17
C LYS D 64 6.92 -4.04 -13.39
N CYS D 65 5.85 -3.50 -12.78
CA CYS D 65 4.94 -4.24 -11.93
C CYS D 65 4.11 -5.24 -12.70
N LEU D 66 3.67 -4.88 -13.94
CA LEU D 66 2.90 -5.79 -14.79
C LEU D 66 3.76 -7.01 -15.14
N LYS D 67 5.01 -6.78 -15.57
CA LYS D 67 5.93 -7.84 -15.94
C LYS D 67 6.30 -8.70 -14.75
N PHE D 68 6.48 -8.07 -13.59
CA PHE D 68 6.83 -8.81 -12.39
C PHE D 68 5.76 -9.86 -12.03
N TYR D 69 4.51 -9.43 -11.97
CA TYR D 69 3.39 -10.27 -11.62
C TYR D 69 2.97 -11.24 -12.68
N SER D 70 3.16 -10.86 -13.97
CA SER D 70 2.89 -11.75 -15.12
C SER D 70 3.80 -12.97 -15.04
N LYS D 71 5.10 -12.76 -14.69
CA LYS D 71 6.11 -13.82 -14.51
C LYS D 71 5.75 -14.77 -13.37
N ILE D 72 5.31 -14.26 -12.20
CA ILE D 72 4.92 -15.08 -11.04
C ILE D 72 3.70 -15.91 -11.37
N SER D 73 2.77 -15.34 -12.16
CA SER D 73 1.54 -16.00 -12.59
C SER D 73 1.85 -17.17 -13.52
N GLU D 74 2.69 -16.96 -14.54
CA GLU D 74 3.09 -18.00 -15.49
C GLU D 74 3.77 -19.15 -14.70
N TYR D 75 4.72 -18.81 -13.82
CA TYR D 75 5.46 -19.75 -13.00
C TYR D 75 4.55 -20.68 -12.21
N ARG D 76 3.55 -20.11 -11.52
CA ARG D 76 2.62 -20.83 -10.68
C ARG D 76 1.43 -21.46 -11.37
N HIS D 77 0.84 -20.74 -12.33
CA HIS D 77 -0.40 -21.14 -12.99
C HIS D 77 -0.32 -21.72 -14.39
N TYR D 78 0.89 -22.00 -14.88
CA TYR D 78 1.08 -22.67 -16.16
C TYR D 78 0.33 -24.03 -16.12
N SER D 79 -0.43 -24.34 -17.18
CA SER D 79 -1.17 -25.59 -17.24
C SER D 79 -0.50 -26.53 -18.25
N TYR D 80 -0.50 -26.13 -19.54
CA TYR D 80 0.07 -26.91 -20.64
C TYR D 80 0.33 -26.06 -21.89
N SER D 81 1.02 -26.64 -22.88
CA SER D 81 1.40 -26.00 -24.13
C SER D 81 0.96 -26.76 -25.36
N LEU D 82 0.65 -26.02 -26.44
CA LEU D 82 0.25 -26.58 -27.74
C LEU D 82 0.90 -25.79 -28.86
N TYR D 83 1.14 -26.45 -30.00
CA TYR D 83 1.59 -25.81 -31.23
C TYR D 83 0.33 -25.17 -31.83
N GLY D 84 0.51 -24.09 -32.56
CA GLY D 84 -0.58 -23.32 -33.15
C GLY D 84 -1.63 -24.11 -33.90
N THR D 85 -1.20 -25.09 -34.71
CA THR D 85 -2.07 -25.95 -35.50
C THR D 85 -3.02 -26.78 -34.62
N THR D 86 -2.49 -27.38 -33.54
CA THR D 86 -3.24 -28.18 -32.57
C THR D 86 -4.27 -27.29 -31.84
N LEU D 87 -3.89 -26.04 -31.53
CA LEU D 87 -4.74 -25.06 -30.87
C LEU D 87 -5.94 -24.70 -31.79
N GLU D 88 -5.65 -24.45 -33.09
CA GLU D 88 -6.65 -24.15 -34.13
C GLU D 88 -7.64 -25.32 -34.27
N GLN D 89 -7.14 -26.57 -34.24
CA GLN D 89 -7.95 -27.80 -34.33
C GLN D 89 -8.85 -27.98 -33.10
N GLN D 90 -8.34 -27.61 -31.91
CA GLN D 90 -9.06 -27.71 -30.63
C GLN D 90 -10.31 -26.84 -30.59
N TYR D 91 -10.20 -25.58 -31.01
CA TYR D 91 -11.30 -24.62 -31.00
C TYR D 91 -12.01 -24.41 -32.36
N ASN D 92 -11.50 -25.07 -33.43
CA ASN D 92 -12.01 -25.00 -34.81
C ASN D 92 -12.18 -23.56 -35.33
N LYS D 93 -11.17 -22.72 -35.01
CA LYS D 93 -11.11 -21.32 -35.39
C LYS D 93 -9.68 -20.99 -35.80
N PRO D 94 -9.44 -20.04 -36.74
CA PRO D 94 -8.05 -19.63 -37.00
C PRO D 94 -7.52 -18.89 -35.76
N LEU D 95 -6.19 -18.81 -35.60
CA LEU D 95 -5.57 -18.16 -34.45
C LEU D 95 -6.04 -16.71 -34.30
N SER D 96 -6.33 -16.03 -35.43
CA SER D 96 -6.79 -14.65 -35.51
C SER D 96 -8.12 -14.42 -34.78
N ASP D 97 -8.92 -15.49 -34.61
CA ASP D 97 -10.21 -15.45 -33.93
C ASP D 97 -10.14 -15.81 -32.44
N LEU D 98 -8.94 -16.12 -31.93
CA LEU D 98 -8.72 -16.45 -30.51
C LEU D 98 -8.02 -15.32 -29.79
N LEU D 99 -8.32 -15.14 -28.48
CA LEU D 99 -7.62 -14.12 -27.68
C LEU D 99 -6.35 -14.75 -27.11
N ILE D 100 -5.21 -14.36 -27.66
CA ILE D 100 -3.89 -14.84 -27.22
C ILE D 100 -3.13 -13.58 -26.80
N ARG D 101 -2.78 -13.50 -25.50
CA ARG D 101 -2.02 -12.36 -24.97
C ARG D 101 -0.56 -12.73 -24.85
N CYS D 102 0.33 -11.73 -24.84
CA CYS D 102 1.74 -11.97 -24.64
C CYS D 102 1.95 -12.40 -23.18
N ILE D 103 2.69 -13.50 -22.97
CA ILE D 103 2.96 -14.03 -21.63
C ILE D 103 3.73 -13.04 -20.69
N ASN D 104 4.51 -12.12 -21.30
N ASN D 104 4.49 -12.11 -21.28
CA ASN D 104 5.38 -11.13 -20.63
CA ASN D 104 5.28 -11.12 -20.54
C ASN D 104 4.72 -9.77 -20.38
C ASN D 104 4.53 -9.81 -20.34
N CYS D 105 4.17 -9.13 -21.42
CA CYS D 105 3.55 -7.80 -21.33
C CYS D 105 2.05 -7.77 -21.42
N GLN D 106 1.40 -8.92 -21.71
CA GLN D 106 -0.06 -9.05 -21.80
C GLN D 106 -0.71 -8.47 -23.05
N LYS D 107 0.06 -7.87 -23.95
CA LYS D 107 -0.55 -7.32 -25.17
C LYS D 107 -1.19 -8.42 -26.01
N PRO D 108 -2.50 -8.27 -26.42
CA PRO D 108 -3.11 -9.25 -27.32
C PRO D 108 -2.30 -9.32 -28.61
N LEU D 109 -1.86 -10.54 -28.96
CA LEU D 109 -1.03 -10.82 -30.13
C LEU D 109 -1.71 -10.41 -31.42
N SER D 110 -0.93 -9.85 -32.36
CA SER D 110 -1.43 -9.45 -33.67
C SER D 110 -1.49 -10.68 -34.59
N PRO D 111 -2.20 -10.64 -35.75
CA PRO D 111 -2.18 -11.81 -36.65
C PRO D 111 -0.78 -12.22 -37.12
N GLU D 112 0.14 -11.23 -37.24
CA GLU D 112 1.54 -11.40 -37.66
C GLU D 112 2.34 -12.14 -36.58
N GLU D 113 2.11 -11.77 -35.31
CA GLU D 113 2.73 -12.39 -34.14
C GLU D 113 2.27 -13.83 -33.98
N LYS D 114 0.97 -14.11 -34.22
CA LYS D 114 0.43 -15.47 -34.15
C LYS D 114 1.04 -16.33 -35.27
N GLN D 115 1.26 -15.72 -36.46
CA GLN D 115 1.88 -16.37 -37.63
C GLN D 115 3.35 -16.69 -37.40
N ARG D 116 4.07 -15.80 -36.70
CA ARG D 116 5.48 -16.01 -36.35
C ARG D 116 5.59 -17.31 -35.52
N HIS D 117 4.65 -17.53 -34.55
CA HIS D 117 4.59 -18.75 -33.73
C HIS D 117 4.49 -19.98 -34.61
N LEU D 118 3.61 -19.95 -35.64
CA LEU D 118 3.40 -21.07 -36.56
C LEU D 118 4.67 -21.35 -37.36
N ASP D 119 5.28 -20.29 -37.94
CA ASP D 119 6.48 -20.35 -38.76
C ASP D 119 7.70 -20.79 -37.95
N LYS D 120 7.92 -20.17 -36.78
CA LYS D 120 9.05 -20.47 -35.91
C LYS D 120 8.85 -21.74 -35.07
N LYS D 121 7.68 -22.41 -35.22
CA LYS D 121 7.28 -23.61 -34.48
C LYS D 121 7.33 -23.39 -32.95
N GLN D 122 6.85 -22.21 -32.52
CA GLN D 122 6.77 -21.77 -31.12
C GLN D 122 5.39 -22.09 -30.56
N ARG D 123 5.36 -22.74 -29.41
CA ARG D 123 4.12 -23.15 -28.77
C ARG D 123 3.41 -22.02 -28.07
N PHE D 124 2.09 -22.19 -27.86
CA PHE D 124 1.28 -21.26 -27.07
C PHE D 124 1.10 -21.93 -25.72
N HIS D 125 1.05 -21.12 -24.64
CA HIS D 125 0.92 -21.63 -23.28
C HIS D 125 -0.40 -21.31 -22.62
N ASN D 126 -1.01 -22.34 -22.01
CA ASN D 126 -2.25 -22.15 -21.31
C ASN D 126 -1.90 -21.89 -19.83
N ILE D 127 -2.27 -20.68 -19.34
CA ILE D 127 -2.06 -20.25 -17.95
C ILE D 127 -3.44 -20.22 -17.29
N ARG D 128 -3.86 -21.39 -16.75
CA ARG D 128 -5.17 -21.59 -16.12
C ARG D 128 -6.31 -21.01 -16.98
N GLY D 129 -6.49 -21.57 -18.17
CA GLY D 129 -7.55 -21.16 -19.09
C GLY D 129 -7.25 -20.03 -20.05
N ARG D 130 -6.15 -19.29 -19.83
CA ARG D 130 -5.75 -18.16 -20.70
C ARG D 130 -4.72 -18.61 -21.69
N TRP D 131 -4.95 -18.35 -22.98
CA TRP D 131 -3.96 -18.67 -24.01
C TRP D 131 -2.97 -17.53 -24.17
N THR D 132 -1.67 -17.86 -24.10
CA THR D 132 -0.58 -16.88 -24.20
C THR D 132 0.44 -17.29 -25.23
N GLY D 133 1.17 -16.30 -25.73
CA GLY D 133 2.26 -16.43 -26.68
C GLY D 133 3.30 -15.39 -26.35
N ARG D 134 3.98 -14.85 -27.37
CA ARG D 134 4.96 -13.79 -27.14
C ARG D 134 4.92 -12.79 -28.29
N CYS D 135 4.80 -11.50 -27.99
CA CYS D 135 4.77 -10.43 -29.00
C CYS D 135 6.15 -10.21 -29.60
N MET D 136 6.23 -9.42 -30.71
CA MET D 136 7.51 -9.13 -31.38
CA MET D 136 7.49 -9.09 -31.40
C MET D 136 8.50 -8.48 -30.43
N SER D 137 8.08 -7.48 -29.66
CA SER D 137 8.92 -6.76 -28.70
C SER D 137 9.50 -7.67 -27.60
N CYS D 138 8.69 -8.57 -27.05
CA CYS D 138 9.14 -9.48 -26.00
C CYS D 138 9.96 -10.64 -26.53
N SER D 139 9.84 -10.94 -27.84
CA SER D 139 10.58 -12.01 -28.52
C SER D 139 12.06 -11.69 -28.70
N ARG D 140 12.42 -10.40 -28.94
CA ARG D 140 13.82 -9.94 -29.12
C ARG D 140 14.57 -10.71 -30.26
N SER D 141 13.84 -11.11 -31.34
CA SER D 141 14.39 -11.90 -32.45
C SER D 141 14.86 -11.15 -33.72
N SER D 142 15.95 -11.67 -34.36
CA SER D 142 16.58 -11.17 -35.60
C SER D 142 16.64 -12.28 -36.69
#